data_7WUQ
#
_entry.id   7WUQ
#
_cell.length_a   1.00
_cell.length_b   1.00
_cell.length_c   1.00
_cell.angle_alpha   90.00
_cell.angle_beta   90.00
_cell.angle_gamma   90.00
#
_symmetry.space_group_name_H-M   'P 1'
#
loop_
_entity.id
_entity.type
_entity.pdbx_description
1 polymer 'Guanine nucleotide-binding protein G(s) subunit alpha isoforms short'
2 polymer 'Guanine nucleotide-binding protein G(I)/G(S)/G(T) subunit beta-1'
3 polymer 'Guanine nucleotide-binding protein G(I)/G(S)/G(O) subunit gamma-2'
4 polymer Nanobody-35
5 polymer 'Adhesion G-protein coupled receptor G2,mCherry'
#
loop_
_entity_poly.entity_id
_entity_poly.type
_entity_poly.pdbx_seq_one_letter_code
_entity_poly.pdbx_strand_id
1 'polypeptide(L)'
;MGCLGNSKTEDQRNEEKAQREANKKIEKQLQKDKQVYRATHRLLLLGAGESGKNTIVKQMRILHVNGFNGEGGEEDPQAA
RSNSDGEKATKVQDIKNNLKEAIETIVAAMSNLVPPVELANPENQFRVDYILSVMNVPDFDFPPEFYEHAKALWEDEGVR
ACYERSNEYQLIDCAQYFLDKIDVIKQADYVPSDQDLLRCRVLTSGIFETKFQVDKVNFHMFDVGAQRDERRKWIQCFND
VTAIIFVVASSSYNMVIREDNQTNRLQAALKLFDSIWNNKWLRDTSVILFLNKQDLLAEKVLAGKSKIEDYFPEFARYTT
PEDATPEPGEDPRVTRAKYFIRDEFLRISTASGDGRHYCYPHFTCAVDTENIRRVFNDCRDIIQRMHLRQYELL
;
A
2 'polypeptide(L)'
;MHHHHHHLEVLFQGPGSSQSELDQLRQEAEQLKNQIRDARKACADATLSQITNNIDPVGRIQMRTRRTLRGHLAKIYAMH
WGTDSRLLVSASQDGKLIIWDSYTTNKVHAIPLRSSWVMTCAYAPSGNYVACGGLDNICSIYNLKTREGNVRVSRELAGH
TGYLSCCRFLDDNQIVTSSGDTTCALWDIETGQQTTTFTGHTGDVMSLSLAPDTRLFVSGACDASAKLWDVREGMCRQTF
TGHESDINAICFFPNGNAFATGSDDATCRLFDLRADQELMTYSHDNIICGITSVSFSKSGRLLLAGYDDFNCNVWDALKA
DRAGVLAGHDNRVSCLGVTDDGMAVATGSWDSFLKIWN
;
B
3 'polypeptide(L)' MASNNTASIAQARKLVEQLKMEANIDRIKVSKAAADLMAYCEAHAKEDPLLTPVPASENPFREKKFFCAIL G
4 'polypeptide(L)'
;QVQLQESGGGLVQPGGSLRLSCAASGFTFSNYKMNWVRQAPGKGLEWVSDISQSGASISYTGSVKGRFTISRDNAKNTLY
LQMNSLKPEDTAVYYCARCPAPFTRDCFDVTSTTYAYRGQGTQVTVSS
;
N
5 'polypeptide(L)'
;MKTIIALSYIFCLVFAHLTSFGILLDLSRTSLPPSQMMALTFITYIGCGLSSIFLSVTLVTYIAFEKIRRDYPSKILIQL
CAALLLLNLIFLLDSWIALYNTRGFCIAVAVFLHYFLLVSFTWMGLEAFHMYLALVKVFNTYIRKYILKFCIVGWGIPAV
VVSIVLTISPDNYGIGSYGKFPNGTPDDFCWINSNVVFYITVVGYFCVIFLLNVSMFIVVLVQLCRIKKKKQLGAQRKTS
IQDLRSIAGLTFLLGITWGFAFFAWGPVNVTFMYLFAIFNTLQGFFIFIFYCAAKENVRKQWRRYLCCGKLRLAENSDWS
KTATNGLKKQTVNQGVSSSSNSLQSSCNSTNSTTLLVNSDCSVHASGNGNASTERNGVSFSVQNGDVCLHDLTGKQHMFS
DKEDSCNGKSRIALRRTSKRGSLHFIEQMHHHHHHHHGSAENLYFQGMVSKGEEDNMAIIKEFMRFKVHMEGSVNGHEFE
IEGEGEGRPYEGTQTAKLKVTKGGPLPFAWDILSPQFMYGSKAYVKHPADIPDYLKLSFPEGFKWERVMNFEDGGVVTVT
QDSSLQDGEFIYKVKLRGTNFPSDGPVMQKKTMGWEASSERMYPEDGALKGEIKQRLKLKDGGHYDAEVKTTYKAKKPVQ
LPGAYNVNIKLDITSHNEDYTIVEQYERAEGRHSTGGMDELYK
;
R
#
# COMPACT_ATOMS: atom_id res chain seq x y z
N THR A 9 22.65 -36.25 -4.66
CA THR A 9 22.61 -37.32 -5.65
C THR A 9 22.46 -36.76 -7.06
N GLU A 10 22.58 -37.63 -8.06
CA GLU A 10 22.38 -37.21 -9.44
C GLU A 10 20.90 -36.94 -9.71
N ASP A 11 20.01 -37.71 -9.08
CA ASP A 11 18.57 -37.47 -9.22
C ASP A 11 18.15 -36.18 -8.53
N GLN A 12 18.81 -35.84 -7.41
CA GLN A 12 18.59 -34.55 -6.77
C GLN A 12 19.09 -33.41 -7.65
N ARG A 13 20.22 -33.62 -8.33
CA ARG A 13 20.74 -32.63 -9.26
C ARG A 13 19.86 -32.52 -10.50
N ASN A 14 19.24 -33.63 -10.91
CA ASN A 14 18.35 -33.62 -12.07
C ASN A 14 17.07 -32.84 -11.78
N GLU A 15 16.51 -33.00 -10.57
CA GLU A 15 15.29 -32.29 -10.22
C GLU A 15 15.53 -30.79 -10.06
N GLU A 16 16.70 -30.41 -9.52
CA GLU A 16 17.02 -29.00 -9.36
C GLU A 16 17.34 -28.33 -10.70
N LYS A 17 17.88 -29.09 -11.66
CA LYS A 17 18.13 -28.55 -12.99
C LYS A 17 16.82 -28.26 -13.72
N ALA A 18 15.86 -29.18 -13.65
CA ALA A 18 14.55 -28.95 -14.24
C ALA A 18 13.79 -27.85 -13.51
N GLN A 19 13.97 -27.75 -12.19
CA GLN A 19 13.36 -26.68 -11.42
C GLN A 19 13.91 -25.32 -11.82
N ARG A 20 15.24 -25.24 -12.03
CA ARG A 20 15.84 -23.98 -12.46
C ARG A 20 15.47 -23.64 -13.91
N GLU A 21 15.31 -24.65 -14.77
CA GLU A 21 14.89 -24.39 -16.14
C GLU A 21 13.44 -23.92 -16.20
N ALA A 22 12.57 -24.52 -15.39
CA ALA A 22 11.19 -24.03 -15.29
C ALA A 22 11.13 -22.65 -14.67
N ASN A 23 12.02 -22.38 -13.70
CA ASN A 23 12.11 -21.06 -13.10
C ASN A 23 12.55 -20.01 -14.11
N LYS A 24 13.54 -20.33 -14.95
CA LYS A 24 14.01 -19.34 -15.92
C LYS A 24 13.02 -19.17 -17.08
N LYS A 25 12.25 -20.21 -17.42
CA LYS A 25 11.16 -20.03 -18.37
C LYS A 25 10.07 -19.14 -17.78
N ILE A 26 9.79 -19.30 -16.49
CA ILE A 26 8.83 -18.45 -15.81
C ILE A 26 9.36 -17.02 -15.69
N GLU A 27 10.67 -16.86 -15.46
CA GLU A 27 11.27 -15.52 -15.44
C GLU A 27 11.19 -14.85 -16.80
N LYS A 28 11.37 -15.61 -17.89
CA LYS A 28 11.19 -15.06 -19.22
C LYS A 28 9.74 -14.62 -19.46
N GLN A 29 8.78 -15.45 -19.04
CA GLN A 29 7.37 -15.12 -19.18
C GLN A 29 6.99 -13.89 -18.34
N LEU A 30 7.52 -13.80 -17.12
CA LEU A 30 7.23 -12.67 -16.26
C LEU A 30 7.95 -11.39 -16.67
N GLN A 31 9.12 -11.48 -17.33
CA GLN A 31 9.67 -10.28 -17.96
C GLN A 31 8.80 -9.80 -19.11
N LYS A 32 8.29 -10.75 -19.93
CA LYS A 32 7.45 -10.38 -21.07
C LYS A 32 6.15 -9.72 -20.62
N ASP A 33 5.46 -10.31 -19.64
CA ASP A 33 4.23 -9.64 -19.26
C ASP A 33 4.39 -8.71 -18.06
N LYS A 34 5.62 -8.54 -17.54
CA LYS A 34 5.96 -7.29 -16.85
C LYS A 34 6.01 -6.13 -17.83
N GLN A 35 6.58 -6.38 -19.01
CA GLN A 35 6.58 -5.37 -20.08
C GLN A 35 5.16 -5.06 -20.51
N VAL A 36 4.30 -6.08 -20.55
CA VAL A 36 2.86 -5.83 -20.75
C VAL A 36 2.27 -5.05 -19.58
N TYR A 37 2.57 -5.48 -18.34
CA TYR A 37 1.81 -5.04 -17.18
C TYR A 37 2.13 -3.61 -16.77
N ARG A 38 3.41 -3.22 -16.82
CA ARG A 38 3.77 -1.84 -16.47
C ARG A 38 3.23 -0.84 -17.49
N ALA A 39 2.95 -1.29 -18.72
CA ALA A 39 2.34 -0.44 -19.71
C ALA A 39 0.82 -0.35 -19.58
N THR A 40 0.25 -1.14 -18.68
CA THR A 40 -1.19 -1.20 -18.48
C THR A 40 -1.87 0.01 -17.87
N HIS A 41 -1.26 0.62 -16.86
CA HIS A 41 -1.85 1.81 -16.24
C HIS A 41 -3.29 1.66 -15.80
N ARG A 42 -3.53 0.77 -14.85
CA ARG A 42 -4.86 0.45 -14.36
C ARG A 42 -5.55 1.63 -13.71
N LEU A 43 -6.87 1.64 -13.80
CA LEU A 43 -7.70 2.68 -13.20
C LEU A 43 -8.87 2.02 -12.50
N LEU A 44 -9.46 2.69 -11.52
CA LEU A 44 -10.60 2.15 -10.81
C LEU A 44 -11.79 3.08 -10.94
N LEU A 45 -12.95 2.53 -11.26
CA LEU A 45 -14.17 3.31 -11.40
C LEU A 45 -15.14 3.01 -10.27
N LEU A 46 -16.00 3.98 -9.94
CA LEU A 46 -17.02 3.85 -8.91
C LEU A 46 -18.22 4.70 -9.33
N GLY A 47 -19.12 4.94 -8.38
CA GLY A 47 -20.31 5.74 -8.63
C GLY A 47 -21.49 4.93 -9.12
N SER A 205 -19.78 -11.69 -14.85
CA SER A 205 -19.85 -10.54 -13.95
C SER A 205 -18.57 -10.40 -13.15
N GLY A 206 -18.69 -9.87 -11.93
CA GLY A 206 -17.54 -9.69 -11.07
C GLY A 206 -16.93 -8.31 -11.20
N ILE A 207 -15.80 -8.22 -11.90
CA ILE A 207 -15.18 -6.94 -12.22
C ILE A 207 -15.04 -6.86 -13.73
N PHE A 208 -15.38 -5.70 -14.27
CA PHE A 208 -15.49 -5.51 -15.72
C PHE A 208 -14.24 -4.83 -16.25
N GLU A 209 -13.81 -5.27 -17.44
CA GLU A 209 -12.55 -4.85 -18.03
C GLU A 209 -12.83 -4.24 -19.40
N THR A 210 -12.42 -2.99 -19.60
CA THR A 210 -12.40 -2.36 -20.92
C THR A 210 -10.98 -1.86 -21.15
N LYS A 211 -10.21 -2.62 -21.92
CA LYS A 211 -8.80 -2.32 -22.21
C LYS A 211 -8.76 -1.37 -23.40
N PHE A 212 -8.91 -0.07 -23.11
CA PHE A 212 -8.94 0.94 -24.15
C PHE A 212 -7.56 1.57 -24.30
N GLN A 213 -7.16 1.79 -25.56
CA GLN A 213 -5.86 2.37 -25.89
C GLN A 213 -6.06 3.78 -26.42
N VAL A 214 -5.30 4.72 -25.87
CA VAL A 214 -5.22 6.07 -26.41
C VAL A 214 -3.75 6.47 -26.52
N ASP A 215 -3.36 7.01 -27.69
CA ASP A 215 -1.99 7.36 -28.04
C ASP A 215 -1.01 6.19 -27.91
N LYS A 216 -1.46 5.00 -28.35
CA LYS A 216 -0.74 3.72 -28.23
C LYS A 216 -0.33 3.42 -26.79
N VAL A 217 -1.14 3.83 -25.83
CA VAL A 217 -0.92 3.57 -24.42
C VAL A 217 -2.09 2.75 -23.90
N ASN A 218 -1.78 1.60 -23.32
CA ASN A 218 -2.81 0.78 -22.70
C ASN A 218 -3.42 1.51 -21.51
N PHE A 219 -4.72 1.32 -21.31
CA PHE A 219 -5.42 1.78 -20.11
C PHE A 219 -6.46 0.74 -19.77
N HIS A 220 -6.34 0.13 -18.59
CA HIS A 220 -7.07 -1.10 -18.29
C HIS A 220 -8.07 -0.71 -17.20
N MET A 221 -9.27 -0.35 -17.65
CA MET A 221 -10.32 0.15 -16.76
C MET A 221 -10.95 -0.99 -15.98
N PHE A 222 -11.40 -0.70 -14.76
CA PHE A 222 -11.98 -1.68 -13.85
C PHE A 222 -13.29 -1.18 -13.24
N ASP A 223 -14.40 -1.44 -13.92
CA ASP A 223 -15.70 -1.26 -13.30
C ASP A 223 -15.99 -2.46 -12.40
N VAL A 224 -16.39 -2.17 -11.17
CA VAL A 224 -16.38 -3.15 -10.10
C VAL A 224 -17.79 -3.21 -9.49
N GLY A 225 -18.80 -3.08 -10.35
CA GLY A 225 -20.17 -2.89 -9.89
C GLY A 225 -20.76 -4.06 -9.12
N ALA A 226 -20.30 -5.28 -9.43
CA ALA A 226 -20.93 -6.48 -8.85
C ALA A 226 -20.67 -6.62 -7.35
N GLN A 227 -19.56 -6.06 -6.87
CA GLN A 227 -19.32 -6.03 -5.43
C GLN A 227 -20.35 -5.14 -4.74
N ARG A 228 -20.75 -5.54 -3.54
CA ARG A 228 -21.87 -4.87 -2.88
C ARG A 228 -21.42 -3.57 -2.23
N ASP A 229 -22.38 -2.95 -1.52
CA ASP A 229 -22.21 -1.63 -0.93
C ASP A 229 -21.03 -1.50 0.04
N GLU A 230 -20.78 -2.53 0.85
CA GLU A 230 -19.58 -2.55 1.69
C GLU A 230 -18.34 -2.67 0.81
N ARG A 231 -17.43 -1.71 0.96
CA ARG A 231 -16.29 -1.64 0.05
C ARG A 231 -15.00 -1.31 0.78
N ARG A 232 -14.97 -1.38 2.11
CA ARG A 232 -13.82 -0.98 2.90
C ARG A 232 -12.60 -1.88 2.69
N LYS A 233 -12.79 -3.09 2.18
CA LYS A 233 -11.71 -4.05 2.08
C LYS A 233 -11.30 -4.35 0.65
N TRP A 234 -12.22 -4.30 -0.30
CA TRP A 234 -11.82 -4.42 -1.69
C TRP A 234 -11.41 -3.09 -2.33
N ILE A 235 -11.61 -1.95 -1.66
CA ILE A 235 -11.06 -0.72 -2.23
C ILE A 235 -9.57 -0.64 -1.94
N GLN A 236 -9.10 -1.44 -0.98
CA GLN A 236 -7.67 -1.61 -0.70
C GLN A 236 -6.95 -2.39 -1.79
N CYS A 237 -7.69 -2.98 -2.73
CA CYS A 237 -7.09 -3.51 -3.94
C CYS A 237 -6.48 -2.43 -4.81
N PHE A 238 -6.91 -1.19 -4.64
CA PHE A 238 -6.61 -0.16 -5.61
C PHE A 238 -5.77 0.94 -4.99
N ASN A 239 -4.76 0.56 -4.20
CA ASN A 239 -3.78 1.55 -3.78
C ASN A 239 -2.57 1.60 -4.68
N ASP A 240 -2.27 0.50 -5.37
CA ASP A 240 -1.22 0.48 -6.37
C ASP A 240 -1.74 0.82 -7.75
N VAL A 241 -3.01 1.18 -7.86
CA VAL A 241 -3.62 1.51 -9.14
C VAL A 241 -3.07 2.87 -9.58
N THR A 242 -3.10 3.14 -10.87
CA THR A 242 -2.68 4.45 -11.35
C THR A 242 -3.64 5.53 -10.87
N ALA A 243 -4.93 5.32 -11.05
CA ALA A 243 -5.89 6.34 -10.69
C ALA A 243 -7.19 5.69 -10.24
N ILE A 244 -7.94 6.45 -9.46
CA ILE A 244 -9.29 6.08 -9.05
C ILE A 244 -10.24 7.04 -9.76
N ILE A 245 -10.79 6.63 -10.90
CA ILE A 245 -11.67 7.51 -11.64
C ILE A 245 -13.01 7.54 -10.92
N PHE A 246 -13.29 8.65 -10.26
CA PHE A 246 -14.49 8.78 -9.43
C PHE A 246 -15.59 9.39 -10.26
N VAL A 247 -16.56 8.58 -10.65
CA VAL A 247 -17.72 9.03 -11.41
C VAL A 247 -18.78 9.49 -10.42
N VAL A 248 -19.24 10.73 -10.58
CA VAL A 248 -20.19 11.35 -9.67
C VAL A 248 -21.49 11.58 -10.43
N ALA A 249 -22.62 11.23 -9.81
CA ALA A 249 -23.93 11.36 -10.44
C ALA A 249 -24.39 12.81 -10.59
N SER A 250 -23.71 13.76 -9.92
CA SER A 250 -23.84 15.20 -10.15
C SER A 250 -25.23 15.76 -9.88
N SER A 251 -26.04 15.07 -9.07
CA SER A 251 -27.41 15.49 -8.84
C SER A 251 -27.82 15.12 -7.42
N SER A 252 -28.53 16.03 -6.77
CA SER A 252 -29.00 15.80 -5.41
C SER A 252 -30.36 16.45 -5.18
N THR A 263 -32.24 9.06 -2.81
CA THR A 263 -31.62 9.73 -1.67
C THR A 263 -30.66 10.82 -2.12
N ASN A 264 -29.91 11.37 -1.17
CA ASN A 264 -28.90 12.37 -1.47
C ASN A 264 -27.67 11.62 -1.99
N ARG A 265 -27.69 11.34 -3.30
CA ARG A 265 -26.64 10.54 -3.93
C ARG A 265 -25.34 11.32 -4.07
N LEU A 266 -25.42 12.65 -4.19
CA LEU A 266 -24.22 13.46 -4.40
C LEU A 266 -23.39 13.51 -3.12
N GLN A 267 -24.04 13.70 -1.96
CA GLN A 267 -23.34 13.68 -0.68
C GLN A 267 -22.81 12.28 -0.36
N ALA A 268 -23.46 11.23 -0.86
CA ALA A 268 -22.88 9.90 -0.79
C ALA A 268 -21.58 9.83 -1.57
N ALA A 269 -21.50 10.52 -2.71
CA ALA A 269 -20.25 10.59 -3.46
C ALA A 269 -19.20 11.43 -2.74
N LEU A 270 -19.62 12.50 -2.04
CA LEU A 270 -18.67 13.24 -1.21
C LEU A 270 -18.13 12.40 -0.06
N LYS A 271 -18.98 11.62 0.60
CA LYS A 271 -18.50 10.78 1.69
C LYS A 271 -17.65 9.63 1.19
N LEU A 272 -17.97 9.11 0.00
CA LEU A 272 -17.14 8.07 -0.58
C LEU A 272 -15.78 8.63 -1.01
N PHE A 273 -15.76 9.86 -1.52
CA PHE A 273 -14.49 10.51 -1.85
C PHE A 273 -13.69 10.85 -0.60
N ASP A 274 -14.38 11.22 0.49
CA ASP A 274 -13.70 11.49 1.75
C ASP A 274 -13.13 10.21 2.34
N SER A 275 -13.83 9.09 2.14
CA SER A 275 -13.36 7.81 2.61
C SER A 275 -12.19 7.30 1.76
N ILE A 276 -12.25 7.53 0.44
CA ILE A 276 -11.14 7.13 -0.42
C ILE A 276 -9.93 8.02 -0.18
N TRP A 277 -10.14 9.32 0.00
CA TRP A 277 -9.05 10.27 0.11
C TRP A 277 -8.23 10.05 1.38
N ASN A 278 -8.91 9.78 2.49
CA ASN A 278 -8.26 9.66 3.78
C ASN A 278 -7.90 8.22 4.14
N ASN A 279 -8.13 7.27 3.22
CA ASN A 279 -7.75 5.89 3.46
C ASN A 279 -6.23 5.76 3.43
N LYS A 280 -5.68 5.02 4.40
CA LYS A 280 -4.23 4.96 4.60
C LYS A 280 -3.51 4.24 3.48
N TRP A 281 -4.22 3.47 2.65
CA TRP A 281 -3.62 2.85 1.48
C TRP A 281 -3.86 3.65 0.23
N LEU A 282 -5.06 4.20 0.10
CA LEU A 282 -5.42 5.07 -1.01
C LEU A 282 -4.82 6.46 -0.88
N ARG A 283 -4.09 6.72 0.21
CA ARG A 283 -3.30 7.94 0.36
C ARG A 283 -2.20 8.05 -0.69
N ASP A 284 -1.72 6.92 -1.21
CA ASP A 284 -0.65 6.94 -2.19
C ASP A 284 -1.16 7.03 -3.62
N THR A 285 -2.46 6.83 -3.86
CA THR A 285 -2.99 6.79 -5.22
C THR A 285 -4.00 7.92 -5.43
N SER A 286 -4.03 8.44 -6.63
CA SER A 286 -4.76 9.65 -6.95
C SER A 286 -6.16 9.33 -7.45
N VAL A 287 -7.00 10.35 -7.45
CA VAL A 287 -8.41 10.22 -7.80
C VAL A 287 -8.73 11.18 -8.94
N ILE A 288 -9.33 10.67 -10.00
CA ILE A 288 -9.84 11.49 -11.09
C ILE A 288 -11.33 11.65 -10.90
N LEU A 289 -11.79 12.88 -10.80
CA LEU A 289 -13.20 13.20 -10.60
C LEU A 289 -13.78 13.69 -11.92
N PHE A 290 -15.01 13.28 -12.25
CA PHE A 290 -15.54 13.61 -13.56
C PHE A 290 -16.89 14.31 -13.59
N LEU A 291 -17.78 14.05 -12.63
CA LEU A 291 -19.15 14.63 -12.56
C LEU A 291 -19.93 14.28 -13.83
N ASN A 292 -20.21 12.97 -13.97
CA ASN A 292 -20.59 12.38 -15.26
C ASN A 292 -21.93 12.92 -15.76
N LYS A 293 -22.93 13.04 -14.90
CA LYS A 293 -24.23 13.54 -15.32
C LYS A 293 -24.29 15.06 -15.19
N GLN A 294 -23.38 15.72 -15.91
CA GLN A 294 -23.36 17.17 -15.96
C GLN A 294 -24.47 17.72 -16.85
N ASP A 295 -24.76 17.05 -17.95
CA ASP A 295 -25.87 17.46 -18.81
C ASP A 295 -27.23 17.29 -18.13
N LEU A 296 -27.34 16.31 -17.22
CA LEU A 296 -28.55 16.15 -16.44
C LEU A 296 -28.69 17.22 -15.36
N LEU A 297 -27.56 17.78 -14.91
CA LEU A 297 -27.59 18.80 -13.85
C LEU A 297 -28.18 20.11 -14.34
N ALA A 298 -28.09 20.38 -15.65
CA ALA A 298 -28.49 21.69 -16.19
C ALA A 298 -29.99 21.91 -16.11
N GLU A 299 -30.80 20.86 -16.23
CA GLU A 299 -32.24 21.05 -16.15
C GLU A 299 -32.72 21.29 -14.72
N LYS A 300 -32.05 20.70 -13.74
CA LYS A 300 -32.51 20.80 -12.36
C LYS A 300 -32.21 22.17 -11.75
N VAL A 301 -31.05 22.74 -12.06
CA VAL A 301 -30.68 24.01 -11.44
C VAL A 301 -31.38 25.18 -12.14
N LEU A 302 -31.67 25.07 -13.44
CA LEU A 302 -32.38 26.14 -14.13
C LEU A 302 -33.88 26.13 -13.83
N ALA A 303 -34.45 24.97 -13.49
CA ALA A 303 -35.85 24.92 -13.10
C ALA A 303 -36.05 25.55 -11.72
N GLY A 304 -35.10 25.34 -10.82
CA GLY A 304 -35.20 25.89 -9.48
C GLY A 304 -35.31 24.82 -8.40
N LYS A 307 -31.96 23.17 -7.09
CA LYS A 307 -32.47 22.27 -6.08
C LYS A 307 -31.37 21.79 -5.13
N ILE A 308 -30.22 22.46 -5.20
CA ILE A 308 -29.09 22.17 -4.32
C ILE A 308 -28.85 23.27 -3.30
N GLU A 309 -29.68 24.32 -3.31
CA GLU A 309 -29.54 25.37 -2.31
C GLU A 309 -29.98 24.89 -0.93
N ASP A 310 -31.05 24.09 -0.88
CA ASP A 310 -31.46 23.50 0.39
C ASP A 310 -30.57 22.34 0.78
N TYR A 311 -29.99 21.64 -0.20
CA TYR A 311 -29.15 20.49 0.06
C TYR A 311 -27.71 20.86 0.41
N PHE A 312 -27.35 22.14 0.33
CA PHE A 312 -26.04 22.64 0.74
C PHE A 312 -26.16 24.07 1.25
N PRO A 313 -25.85 24.33 2.52
CA PRO A 313 -25.99 25.70 3.04
C PRO A 313 -24.92 26.65 2.55
N GLU A 314 -23.69 26.16 2.35
CA GLU A 314 -22.59 27.03 1.93
C GLU A 314 -22.56 27.28 0.42
N PHE A 315 -23.56 26.78 -0.32
CA PHE A 315 -23.72 27.16 -1.71
C PHE A 315 -24.11 28.63 -1.84
N ALA A 316 -24.83 29.17 -0.86
CA ALA A 316 -25.19 30.58 -0.87
C ALA A 316 -23.96 31.48 -0.66
N ARG A 317 -23.07 31.01 0.21
CA ARG A 317 -21.85 31.74 0.54
C ARG A 317 -20.70 31.43 -0.40
N TYR A 318 -20.93 30.56 -1.38
CA TYR A 318 -19.92 30.19 -2.35
C TYR A 318 -19.82 31.24 -3.45
N THR A 319 -18.59 31.47 -3.91
CA THR A 319 -18.34 32.38 -5.02
C THR A 319 -17.62 31.65 -6.14
N THR A 320 -17.84 32.10 -7.37
CA THR A 320 -17.26 31.46 -8.54
C THR A 320 -15.78 31.82 -8.65
N PRO A 321 -14.90 30.87 -8.91
CA PRO A 321 -13.48 31.19 -9.13
C PRO A 321 -13.27 31.91 -10.46
N GLU A 322 -12.07 32.47 -10.61
CA GLU A 322 -11.77 33.24 -11.81
C GLU A 322 -11.51 32.32 -13.01
N ASP A 323 -10.91 31.15 -12.79
CA ASP A 323 -10.66 30.20 -13.88
C ASP A 323 -11.84 29.24 -13.90
N ALA A 324 -12.98 29.77 -14.38
CA ALA A 324 -14.22 29.00 -14.36
C ALA A 324 -15.06 29.22 -15.61
N THR A 325 -14.42 29.36 -16.78
CA THR A 325 -15.20 29.54 -18.01
C THR A 325 -15.14 28.25 -18.83
N PRO A 326 -16.20 27.42 -18.83
CA PRO A 326 -16.19 26.25 -19.71
C PRO A 326 -16.52 26.58 -21.15
N GLU A 327 -17.53 27.43 -21.36
CA GLU A 327 -18.14 27.69 -22.66
C GLU A 327 -19.01 28.94 -22.51
N PRO A 328 -19.01 29.84 -23.51
CA PRO A 328 -19.77 31.10 -23.35
C PRO A 328 -21.28 30.91 -23.30
N GLY A 329 -21.83 29.88 -23.94
CA GLY A 329 -23.26 29.63 -23.90
C GLY A 329 -23.75 29.04 -22.59
N GLU A 330 -22.83 28.55 -21.75
CA GLU A 330 -23.20 27.99 -20.47
C GLU A 330 -23.70 29.08 -19.52
N ASP A 331 -24.77 28.77 -18.80
CA ASP A 331 -25.33 29.72 -17.84
C ASP A 331 -24.40 29.88 -16.65
N PRO A 332 -24.25 31.10 -16.12
CA PRO A 332 -23.43 31.29 -14.90
C PRO A 332 -23.97 30.59 -13.67
N ARG A 333 -25.27 30.31 -13.60
CA ARG A 333 -25.80 29.55 -12.46
C ARG A 333 -25.38 28.08 -12.53
N VAL A 334 -25.40 27.50 -13.74
CA VAL A 334 -24.93 26.12 -13.93
C VAL A 334 -23.44 26.03 -13.63
N THR A 335 -22.68 27.04 -14.08
CA THR A 335 -21.24 27.08 -13.81
C THR A 335 -20.94 27.22 -12.33
N ARG A 336 -21.69 28.09 -11.62
CA ARG A 336 -21.50 28.24 -10.19
C ARG A 336 -21.88 26.97 -9.43
N ALA A 337 -22.94 26.30 -9.86
CA ALA A 337 -23.35 25.05 -9.22
C ALA A 337 -22.32 23.95 -9.43
N LYS A 338 -21.82 23.80 -10.66
CA LYS A 338 -20.87 22.72 -10.93
C LYS A 338 -19.50 23.01 -10.30
N TYR A 339 -19.11 24.28 -10.21
CA TYR A 339 -17.85 24.59 -9.54
C TYR A 339 -17.98 24.49 -8.03
N PHE A 340 -19.17 24.76 -7.47
CA PHE A 340 -19.38 24.49 -6.06
C PHE A 340 -19.31 23.01 -5.76
N ILE A 341 -19.90 22.19 -6.63
CA ILE A 341 -19.81 20.74 -6.43
C ILE A 341 -18.37 20.26 -6.61
N ARG A 342 -17.62 20.88 -7.52
CA ARG A 342 -16.21 20.53 -7.72
C ARG A 342 -15.38 20.86 -6.48
N ASP A 343 -15.45 22.11 -5.99
CA ASP A 343 -14.69 22.48 -4.80
C ASP A 343 -15.27 21.89 -3.52
N GLU A 344 -16.47 21.33 -3.56
CA GLU A 344 -16.97 20.56 -2.42
C GLU A 344 -16.18 19.26 -2.27
N PHE A 345 -15.81 18.65 -3.40
CA PHE A 345 -14.84 17.56 -3.36
C PHE A 345 -13.44 18.06 -3.03
N LEU A 346 -13.07 19.23 -3.56
CA LEU A 346 -11.71 19.70 -3.39
C LEU A 346 -11.45 20.29 -2.01
N ARG A 347 -12.50 20.48 -1.20
CA ARG A 347 -12.28 20.76 0.22
C ARG A 347 -11.69 19.55 0.93
N ILE A 348 -12.09 18.34 0.50
CA ILE A 348 -11.48 17.12 1.02
C ILE A 348 -10.05 16.99 0.52
N SER A 349 -9.80 17.40 -0.73
CA SER A 349 -8.50 17.18 -1.36
C SER A 349 -7.40 18.05 -0.74
N THR A 350 -7.73 19.28 -0.35
CA THR A 350 -6.74 20.14 0.29
C THR A 350 -6.70 19.92 1.81
N ALA A 351 -7.84 20.14 2.48
CA ALA A 351 -7.91 20.08 3.93
C ALA A 351 -7.90 18.61 4.36
N SER A 352 -6.69 18.06 4.46
CA SER A 352 -6.49 16.69 4.89
C SER A 352 -5.15 16.59 5.60
N GLY A 353 -4.85 15.42 6.12
CA GLY A 353 -3.57 15.15 6.75
C GLY A 353 -2.52 14.75 5.73
N ASP A 354 -1.62 13.87 6.15
CA ASP A 354 -0.61 13.35 5.24
C ASP A 354 -1.23 12.41 4.20
N GLY A 355 -0.53 12.27 3.08
CA GLY A 355 -1.00 11.46 1.97
C GLY A 355 -0.54 12.03 0.64
N ARG A 356 0.06 11.20 -0.18
CA ARG A 356 0.77 11.65 -1.38
C ARG A 356 -0.05 11.36 -2.65
N HIS A 357 -1.01 12.24 -2.92
CA HIS A 357 -2.02 12.02 -3.94
C HIS A 357 -2.77 13.32 -4.21
N TYR A 358 -3.33 13.43 -5.42
CA TYR A 358 -3.87 14.70 -5.90
C TYR A 358 -5.11 14.43 -6.75
N CYS A 359 -6.07 15.35 -6.67
CA CYS A 359 -7.37 15.16 -7.31
C CYS A 359 -7.46 15.94 -8.61
N TYR A 360 -8.14 15.35 -9.59
CA TYR A 360 -8.33 15.94 -10.92
C TYR A 360 -9.81 15.99 -11.25
N PRO A 361 -10.50 17.06 -10.89
CA PRO A 361 -11.92 17.17 -11.19
C PRO A 361 -12.18 17.61 -12.62
N HIS A 362 -13.33 17.20 -13.14
CA HIS A 362 -13.73 17.52 -14.51
C HIS A 362 -15.23 17.72 -14.58
N PHE A 363 -15.68 18.11 -15.78
CA PHE A 363 -17.09 18.33 -16.07
C PHE A 363 -17.35 17.72 -17.43
N THR A 364 -18.11 16.62 -17.47
CA THR A 364 -18.38 15.93 -18.72
C THR A 364 -19.38 16.70 -19.58
N VAL A 367 -23.46 13.88 -24.05
CA VAL A 367 -22.42 13.05 -24.66
C VAL A 367 -21.11 13.83 -24.68
N ASP A 368 -20.07 13.25 -24.08
CA ASP A 368 -18.76 13.88 -23.98
C ASP A 368 -17.72 12.89 -24.48
N THR A 369 -17.24 13.09 -25.71
CA THR A 369 -16.23 12.23 -26.31
C THR A 369 -14.80 12.63 -25.95
N GLU A 370 -14.64 13.64 -25.09
CA GLU A 370 -13.30 14.09 -24.70
C GLU A 370 -12.84 13.47 -23.37
N ASN A 371 -13.68 12.63 -22.77
CA ASN A 371 -13.35 12.02 -21.48
C ASN A 371 -12.13 11.10 -21.53
N ILE A 372 -11.99 10.32 -22.59
CA ILE A 372 -10.84 9.44 -22.70
C ILE A 372 -9.59 10.30 -22.70
N ARG A 373 -9.58 11.38 -23.49
CA ARG A 373 -8.40 12.24 -23.49
C ARG A 373 -8.12 12.80 -22.10
N ARG A 374 -9.17 13.15 -21.36
CA ARG A 374 -9.01 13.72 -20.03
C ARG A 374 -8.41 12.71 -19.05
N VAL A 375 -8.79 11.44 -19.19
CA VAL A 375 -8.19 10.36 -18.41
C VAL A 375 -6.70 10.25 -18.74
N PHE A 376 -6.36 10.34 -20.02
CA PHE A 376 -4.96 10.26 -20.45
C PHE A 376 -4.12 11.40 -19.87
N ASN A 377 -4.64 12.64 -19.94
CA ASN A 377 -3.88 13.77 -19.41
C ASN A 377 -3.78 13.73 -17.89
N ASP A 378 -4.84 13.30 -17.22
CA ASP A 378 -4.79 13.23 -15.76
C ASP A 378 -3.87 12.12 -15.28
N CYS A 379 -3.90 10.95 -15.92
CA CYS A 379 -2.97 9.89 -15.54
C CYS A 379 -1.55 10.24 -15.92
N ARG A 380 -1.36 11.03 -16.98
CA ARG A 380 -0.05 11.58 -17.29
C ARG A 380 0.45 12.42 -16.13
N ASP A 381 -0.40 13.31 -15.61
CA ASP A 381 0.03 14.12 -14.48
C ASP A 381 0.13 13.31 -13.19
N ILE A 382 -0.62 12.22 -13.05
CA ILE A 382 -0.52 11.35 -11.88
C ILE A 382 0.82 10.64 -11.84
N ILE A 383 1.22 10.03 -12.96
CA ILE A 383 2.50 9.34 -12.97
C ILE A 383 3.67 10.33 -13.01
N GLN A 384 3.47 11.53 -13.58
CA GLN A 384 4.45 12.60 -13.43
C GLN A 384 4.65 12.98 -11.97
N ARG A 385 3.55 13.20 -11.23
CA ARG A 385 3.65 13.55 -9.82
C ARG A 385 4.20 12.41 -8.99
N MET A 386 3.90 11.16 -9.37
CA MET A 386 4.46 10.02 -8.65
C MET A 386 5.96 9.95 -8.84
N HIS A 387 6.45 10.25 -10.05
CA HIS A 387 7.89 10.31 -10.27
C HIS A 387 8.53 11.52 -9.59
N LEU A 388 7.82 12.65 -9.51
CA LEU A 388 8.36 13.82 -8.80
C LEU A 388 8.44 13.54 -7.29
N ARG A 389 7.46 12.83 -6.74
CA ARG A 389 7.53 12.42 -5.35
C ARG A 389 8.57 11.33 -5.14
N GLN A 390 8.82 10.53 -6.17
CA GLN A 390 9.92 9.57 -6.14
C GLN A 390 11.26 10.29 -6.11
N TYR A 391 11.32 11.49 -6.70
CA TYR A 391 12.48 12.36 -6.61
C TYR A 391 12.39 13.33 -5.44
N GLU A 392 11.29 13.21 -4.64
CA GLU A 392 10.95 14.13 -3.54
C GLU A 392 10.79 15.57 -4.01
N LEU A 393 10.43 15.75 -5.26
CA LEU A 393 10.19 17.10 -5.77
C LEU A 393 8.86 17.65 -5.27
N LEU A 394 7.97 16.79 -4.81
CA LEU A 394 6.76 17.21 -4.11
C LEU A 394 6.77 16.75 -2.66
N LEU B 25 -38.32 -9.05 16.68
CA LEU B 25 -37.37 -10.05 17.15
C LEU B 25 -36.10 -9.39 17.65
N ARG B 26 -36.02 -8.06 17.49
CA ARG B 26 -34.87 -7.30 17.97
C ARG B 26 -34.82 -7.26 19.49
N GLN B 27 -35.98 -7.16 20.14
CA GLN B 27 -36.03 -7.25 21.60
C GLN B 27 -35.68 -8.66 22.08
N GLU B 28 -36.09 -9.68 21.31
CA GLU B 28 -35.78 -11.06 21.66
C GLU B 28 -34.30 -11.36 21.50
N ALA B 29 -33.68 -10.86 20.44
CA ALA B 29 -32.28 -11.19 20.13
C ALA B 29 -31.31 -10.60 21.14
N GLU B 30 -31.68 -9.49 21.79
CA GLU B 30 -30.86 -8.94 22.86
C GLU B 30 -30.89 -9.84 24.09
N GLN B 31 -31.99 -10.56 24.31
CA GLN B 31 -32.12 -11.40 25.50
C GLN B 31 -31.19 -12.61 25.42
N LEU B 32 -31.12 -13.29 24.27
CA LEU B 32 -30.15 -14.37 24.14
C LEU B 32 -28.73 -13.87 23.95
N LYS B 33 -28.55 -12.63 23.51
CA LYS B 33 -27.22 -12.04 23.55
C LYS B 33 -26.79 -11.77 24.98
N ASN B 34 -27.74 -11.37 25.84
CA ASN B 34 -27.45 -11.21 27.25
C ASN B 34 -27.32 -12.55 27.95
N GLN B 35 -27.99 -13.59 27.45
CA GLN B 35 -27.89 -14.90 28.06
C GLN B 35 -26.57 -15.58 27.69
N ILE B 36 -26.09 -15.37 26.46
CA ILE B 36 -24.84 -15.99 26.03
C ILE B 36 -23.64 -15.30 26.68
N ARG B 37 -23.68 -13.98 26.85
CA ARG B 37 -22.59 -13.28 27.51
C ARG B 37 -22.51 -13.61 29.00
N ASP B 38 -23.63 -14.01 29.61
CA ASP B 38 -23.59 -14.50 30.98
C ASP B 38 -23.05 -15.92 31.05
N ALA B 39 -23.26 -16.70 29.98
CA ALA B 39 -22.63 -18.01 29.89
C ALA B 39 -21.13 -17.88 29.69
N ARG B 40 -20.68 -16.79 29.05
CA ARG B 40 -19.26 -16.48 29.06
C ARG B 40 -18.78 -16.15 30.47
N LYS B 41 -19.58 -15.36 31.20
CA LYS B 41 -19.23 -14.98 32.56
C LYS B 41 -19.43 -16.10 33.57
N ALA B 42 -20.31 -17.06 33.28
CA ALA B 42 -20.42 -18.24 34.13
C ALA B 42 -19.19 -19.13 34.00
N CYS B 43 -18.55 -19.11 32.83
CA CYS B 43 -17.30 -19.81 32.60
C CYS B 43 -16.12 -18.84 32.49
N ALA B 44 -16.24 -17.67 33.13
CA ALA B 44 -15.16 -16.69 33.11
C ALA B 44 -13.97 -17.18 33.93
N ASP B 45 -14.23 -17.62 35.17
CA ASP B 45 -13.28 -18.23 36.10
C ASP B 45 -12.02 -17.38 36.31
N ALA B 46 -10.88 -17.88 35.85
CA ALA B 46 -9.65 -17.13 35.77
C ALA B 46 -9.24 -17.03 34.31
N THR B 47 -8.75 -15.85 33.91
CA THR B 47 -8.37 -15.62 32.52
C THR B 47 -7.07 -16.37 32.20
N LEU B 48 -6.77 -16.45 30.89
CA LEU B 48 -5.58 -17.15 30.45
C LEU B 48 -4.31 -16.38 30.78
N SER B 49 -4.38 -15.05 30.88
CA SER B 49 -3.19 -14.27 31.22
C SER B 49 -2.78 -14.48 32.68
N GLN B 50 -3.74 -14.72 33.56
CA GLN B 50 -3.43 -14.91 34.98
C GLN B 50 -2.85 -16.30 35.23
N ILE B 51 -3.36 -17.32 34.52
CA ILE B 51 -2.96 -18.69 34.80
C ILE B 51 -1.55 -18.95 34.24
N THR B 52 -1.26 -18.43 33.06
CA THR B 52 0.00 -18.68 32.36
C THR B 52 1.11 -17.74 32.86
N ASN B 53 0.77 -16.82 33.77
CA ASN B 53 1.72 -15.82 34.28
C ASN B 53 2.84 -16.48 35.08
N ASN B 54 2.57 -17.63 35.72
CA ASN B 54 3.57 -18.26 36.58
C ASN B 54 4.69 -18.92 35.77
N ILE B 55 4.35 -19.52 34.63
CA ILE B 55 5.33 -20.32 33.89
C ILE B 55 6.20 -19.44 33.00
N ASP B 56 7.32 -19.98 32.54
CA ASP B 56 8.38 -19.21 31.90
C ASP B 56 8.02 -18.90 30.45
N PRO B 57 8.11 -17.64 30.02
CA PRO B 57 7.93 -17.33 28.60
C PRO B 57 9.15 -17.74 27.78
N VAL B 58 8.95 -17.78 26.46
CA VAL B 58 10.06 -18.10 25.56
C VAL B 58 11.00 -16.90 25.42
N GLY B 59 10.51 -15.69 25.63
CA GLY B 59 11.34 -14.51 25.49
C GLY B 59 11.48 -14.05 24.04
N ARG B 60 12.63 -13.46 23.74
CA ARG B 60 12.85 -12.84 22.44
C ARG B 60 13.20 -13.89 21.41
N ILE B 61 12.61 -13.77 20.21
CA ILE B 61 12.78 -14.76 19.14
C ILE B 61 13.90 -14.39 18.19
N GLN B 62 13.90 -13.13 17.72
CA GLN B 62 14.82 -12.59 16.71
C GLN B 62 14.80 -13.42 15.42
N MET B 63 13.63 -13.41 14.77
CA MET B 63 13.51 -13.99 13.45
C MET B 63 14.23 -13.14 12.42
N ARG B 64 14.82 -13.80 11.43
CA ARG B 64 15.59 -13.11 10.40
C ARG B 64 15.07 -13.52 9.03
N THR B 65 15.23 -12.61 8.07
CA THR B 65 14.76 -12.81 6.70
C THR B 65 15.69 -13.83 6.04
N ARG B 66 15.25 -15.09 6.03
CA ARG B 66 15.98 -16.14 5.34
C ARG B 66 16.04 -15.89 3.84
N ARG B 67 14.89 -15.98 3.17
CA ARG B 67 14.83 -15.89 1.72
C ARG B 67 13.75 -14.89 1.32
N THR B 68 14.10 -13.96 0.44
CA THR B 68 13.13 -13.02 -0.11
C THR B 68 12.63 -13.55 -1.44
N LEU B 69 11.32 -13.81 -1.53
CA LEU B 69 10.72 -14.36 -2.75
C LEU B 69 10.36 -13.19 -3.66
N ARG B 70 11.31 -12.80 -4.50
CA ARG B 70 11.14 -11.68 -5.41
C ARG B 70 10.63 -12.17 -6.75
N GLY B 71 9.70 -11.43 -7.34
CA GLY B 71 9.17 -11.79 -8.64
C GLY B 71 7.72 -11.44 -8.82
N HIS B 72 6.99 -11.25 -7.72
CA HIS B 72 5.65 -10.69 -7.80
C HIS B 72 5.73 -9.23 -8.20
N LEU B 73 4.73 -8.78 -8.96
CA LEU B 73 4.85 -7.48 -9.61
C LEU B 73 4.09 -6.40 -8.87
N ALA B 74 2.85 -6.68 -8.50
CA ALA B 74 2.04 -5.82 -7.66
C ALA B 74 2.02 -6.37 -6.24
N LYS B 75 1.18 -5.78 -5.41
CA LYS B 75 1.06 -6.16 -4.02
C LYS B 75 0.55 -7.58 -3.85
N ILE B 76 1.12 -8.29 -2.88
CA ILE B 76 0.84 -9.70 -2.64
C ILE B 76 -0.25 -9.72 -1.58
N TYR B 77 -1.48 -9.81 -2.06
CA TYR B 77 -2.70 -9.75 -1.25
C TYR B 77 -3.07 -11.01 -0.50
N ALA B 78 -2.44 -12.10 -0.85
CA ALA B 78 -2.77 -13.40 -0.28
C ALA B 78 -1.67 -14.41 -0.52
N MET B 79 -1.50 -15.32 0.44
CA MET B 79 -0.62 -16.47 0.27
C MET B 79 -1.15 -17.65 1.06
N HIS B 80 -0.61 -18.82 0.76
CA HIS B 80 -0.83 -20.02 1.55
C HIS B 80 0.37 -20.94 1.39
N TRP B 81 0.65 -21.70 2.44
CA TRP B 81 1.72 -22.70 2.45
C TRP B 81 1.20 -24.04 1.94
N GLY B 82 2.01 -25.09 2.13
CA GLY B 82 1.61 -26.43 1.80
C GLY B 82 1.84 -27.39 2.95
N THR B 83 1.25 -28.58 2.82
CA THR B 83 1.52 -29.65 3.78
C THR B 83 2.95 -30.16 3.63
N ASP B 84 3.50 -30.15 2.42
CA ASP B 84 4.89 -30.51 2.21
C ASP B 84 5.85 -29.44 2.73
N SER B 85 5.35 -28.21 2.92
CA SER B 85 6.07 -27.07 3.49
C SER B 85 7.27 -26.63 2.66
N ARG B 86 7.28 -27.01 1.39
CA ARG B 86 8.31 -26.62 0.45
C ARG B 86 7.77 -25.65 -0.59
N LEU B 87 6.64 -26.01 -1.20
CA LEU B 87 5.93 -25.12 -2.11
C LEU B 87 4.95 -24.27 -1.33
N LEU B 88 4.96 -22.96 -1.60
CA LEU B 88 3.95 -22.06 -1.08
C LEU B 88 3.31 -21.36 -2.26
N VAL B 89 2.02 -21.12 -2.17
CA VAL B 89 1.31 -20.36 -3.19
C VAL B 89 1.18 -18.93 -2.67
N SER B 90 1.32 -17.95 -3.56
CA SER B 90 1.08 -16.57 -3.20
C SER B 90 0.40 -15.86 -4.37
N ALA B 91 -0.57 -15.02 -4.04
CA ALA B 91 -1.46 -14.40 -5.01
C ALA B 91 -1.27 -12.89 -4.97
N SER B 92 -1.06 -12.29 -6.13
CA SER B 92 -0.83 -10.86 -6.22
C SER B 92 -1.75 -10.20 -7.23
N GLN B 93 -2.06 -8.94 -6.98
CA GLN B 93 -2.98 -8.14 -7.78
C GLN B 93 -2.41 -7.71 -9.13
N ASP B 94 -1.23 -8.20 -9.50
CA ASP B 94 -0.74 -8.06 -10.85
C ASP B 94 -1.49 -8.94 -11.84
N GLY B 95 -2.06 -10.04 -11.36
CA GLY B 95 -2.63 -11.05 -12.20
C GLY B 95 -1.85 -12.34 -12.23
N LYS B 96 -0.97 -12.57 -11.26
CA LYS B 96 -0.12 -13.74 -11.22
C LYS B 96 -0.41 -14.58 -9.99
N LEU B 97 0.13 -15.79 -10.03
CA LEU B 97 -0.09 -16.74 -8.95
C LEU B 97 1.09 -17.72 -9.05
N ILE B 98 2.11 -17.51 -8.22
CA ILE B 98 3.33 -18.30 -8.28
C ILE B 98 3.36 -19.30 -7.12
N ILE B 99 3.56 -20.57 -7.43
CA ILE B 99 3.77 -21.60 -6.41
C ILE B 99 5.26 -21.55 -6.11
N TRP B 100 5.62 -20.75 -5.11
CA TRP B 100 7.03 -20.50 -4.80
C TRP B 100 7.68 -21.73 -4.18
N ASP B 101 8.83 -22.12 -4.71
CA ASP B 101 9.67 -23.13 -4.07
C ASP B 101 10.51 -22.42 -3.03
N SER B 102 10.10 -22.48 -1.77
CA SER B 102 10.68 -21.65 -0.73
C SER B 102 12.05 -22.14 -0.27
N TYR B 103 12.41 -23.39 -0.57
CA TYR B 103 13.70 -23.91 -0.11
C TYR B 103 14.84 -23.33 -0.93
N THR B 104 14.65 -23.14 -2.24
CA THR B 104 15.70 -22.66 -3.11
C THR B 104 15.39 -21.32 -3.77
N THR B 105 14.26 -20.69 -3.43
CA THR B 105 13.73 -19.47 -4.04
C THR B 105 13.64 -19.65 -5.56
N ASN B 106 12.74 -20.55 -5.94
CA ASN B 106 12.45 -20.85 -7.33
C ASN B 106 10.97 -20.66 -7.58
N LYS B 107 10.63 -20.21 -8.79
CA LYS B 107 9.25 -20.06 -9.19
C LYS B 107 8.85 -21.29 -9.99
N VAL B 108 7.81 -21.96 -9.53
CA VAL B 108 7.20 -23.09 -10.23
C VAL B 108 5.73 -22.76 -10.41
N HIS B 109 5.22 -22.96 -11.64
CA HIS B 109 3.80 -22.78 -11.99
C HIS B 109 3.31 -21.35 -11.67
N ALA B 110 3.81 -20.40 -12.46
CA ALA B 110 3.28 -19.04 -12.40
C ALA B 110 2.01 -18.99 -13.24
N ILE B 111 0.86 -19.02 -12.59
CA ILE B 111 -0.42 -19.03 -13.31
C ILE B 111 -0.73 -17.62 -13.81
N PRO B 112 -0.96 -17.43 -15.11
CA PRO B 112 -1.61 -16.20 -15.56
C PRO B 112 -3.10 -16.27 -15.24
N LEU B 113 -3.61 -15.19 -14.65
CA LEU B 113 -4.97 -15.20 -14.11
C LEU B 113 -5.92 -14.43 -15.01
N ARG B 114 -7.16 -14.91 -15.08
CA ARG B 114 -8.20 -14.19 -15.79
C ARG B 114 -8.56 -12.90 -15.07
N SER B 115 -8.59 -12.94 -13.74
CA SER B 115 -8.82 -11.74 -12.93
C SER B 115 -7.49 -11.07 -12.62
N SER B 116 -7.43 -9.76 -12.82
CA SER B 116 -6.23 -9.03 -12.45
C SER B 116 -6.09 -8.90 -10.94
N TRP B 117 -7.21 -8.82 -10.22
CA TRP B 117 -7.19 -8.57 -8.78
C TRP B 117 -7.58 -9.85 -8.06
N VAL B 118 -6.58 -10.57 -7.58
CA VAL B 118 -6.78 -11.81 -6.85
C VAL B 118 -6.50 -11.56 -5.36
N MET B 119 -7.43 -11.99 -4.52
CA MET B 119 -7.35 -11.76 -3.09
C MET B 119 -7.25 -13.04 -2.27
N THR B 120 -7.21 -14.20 -2.92
CA THR B 120 -7.08 -15.46 -2.20
C THR B 120 -6.30 -16.44 -3.04
N CYS B 121 -5.74 -17.43 -2.37
CA CYS B 121 -5.02 -18.52 -2.99
C CYS B 121 -4.82 -19.50 -1.88
N ALA B 122 -5.31 -20.70 -2.08
CA ALA B 122 -5.15 -21.73 -1.10
C ALA B 122 -4.27 -22.74 -1.79
N TYR B 123 -3.22 -23.20 -1.13
CA TYR B 123 -2.46 -24.26 -1.75
C TYR B 123 -3.19 -25.50 -1.28
N ALA B 124 -3.58 -26.38 -2.19
CA ALA B 124 -4.29 -27.58 -1.80
C ALA B 124 -3.42 -28.47 -0.94
N PRO B 125 -4.01 -29.09 0.09
CA PRO B 125 -3.26 -29.96 0.99
C PRO B 125 -2.60 -31.10 0.23
N SER B 126 -3.35 -31.74 -0.66
CA SER B 126 -2.83 -32.84 -1.46
C SER B 126 -1.67 -32.28 -2.23
N GLY B 127 -1.89 -31.07 -2.73
CA GLY B 127 -0.92 -30.30 -3.47
C GLY B 127 -1.21 -30.21 -4.96
N ASN B 128 -2.17 -30.98 -5.46
CA ASN B 128 -2.41 -31.02 -6.90
C ASN B 128 -3.16 -29.79 -7.40
N TYR B 129 -4.05 -29.24 -6.59
CA TYR B 129 -4.97 -28.20 -7.02
C TYR B 129 -4.67 -26.90 -6.27
N VAL B 130 -4.77 -25.77 -6.98
CA VAL B 130 -4.51 -24.46 -6.40
C VAL B 130 -5.67 -23.53 -6.72
N ALA B 131 -6.23 -22.91 -5.70
CA ALA B 131 -7.32 -21.96 -5.85
C ALA B 131 -6.79 -20.55 -6.06
N CYS B 132 -7.67 -19.69 -6.58
CA CYS B 132 -7.46 -18.26 -6.54
C CYS B 132 -8.84 -17.64 -6.31
N GLY B 133 -8.96 -16.35 -6.56
CA GLY B 133 -10.23 -15.68 -6.52
C GLY B 133 -10.10 -14.27 -5.98
N GLY B 134 -11.10 -13.45 -6.29
CA GLY B 134 -10.99 -12.05 -5.98
C GLY B 134 -12.20 -11.27 -6.44
N LEU B 135 -11.95 -10.14 -7.12
CA LEU B 135 -13.02 -9.26 -7.55
C LEU B 135 -13.78 -9.78 -8.77
N ASP B 136 -13.36 -10.89 -9.36
CA ASP B 136 -14.08 -11.49 -10.49
C ASP B 136 -15.30 -12.27 -10.05
N ASN B 137 -15.54 -12.39 -8.74
CA ASN B 137 -16.61 -13.16 -8.10
C ASN B 137 -16.51 -14.64 -8.42
N ILE B 138 -15.31 -15.11 -8.76
CA ILE B 138 -15.04 -16.47 -9.20
C ILE B 138 -13.82 -16.99 -8.47
N CYS B 139 -13.97 -18.14 -7.81
CA CYS B 139 -12.82 -18.85 -7.28
C CYS B 139 -12.43 -19.91 -8.31
N SER B 140 -11.37 -19.63 -9.07
CA SER B 140 -10.95 -20.54 -10.13
C SER B 140 -9.84 -21.44 -9.62
N ILE B 141 -10.01 -22.75 -9.84
CA ILE B 141 -9.09 -23.76 -9.34
C ILE B 141 -8.15 -24.15 -10.46
N TYR B 142 -6.86 -24.20 -10.16
CA TYR B 142 -5.84 -24.62 -11.11
C TYR B 142 -5.19 -25.91 -10.65
N ASN B 143 -5.16 -26.90 -11.53
CA ASN B 143 -4.48 -28.16 -11.26
C ASN B 143 -3.04 -27.95 -11.69
N LEU B 144 -2.11 -28.16 -10.77
CA LEU B 144 -0.70 -27.96 -11.09
C LEU B 144 -0.17 -29.09 -11.98
N LYS B 145 -0.52 -30.34 -11.65
CA LYS B 145 -0.01 -31.50 -12.39
C LYS B 145 -0.98 -31.86 -13.51
N THR B 146 -0.97 -31.03 -14.56
CA THR B 146 -1.75 -31.32 -15.75
C THR B 146 -1.09 -32.40 -16.60
N ARG B 147 -1.88 -33.00 -17.47
CA ARG B 147 -1.36 -34.01 -18.40
C ARG B 147 -0.46 -33.39 -19.46
N GLU B 148 -0.64 -32.11 -19.77
CA GLU B 148 0.15 -31.44 -20.79
C GLU B 148 1.33 -30.67 -20.24
N GLY B 149 1.47 -30.59 -18.91
CA GLY B 149 2.56 -29.87 -18.29
C GLY B 149 2.38 -28.36 -18.23
N ASN B 150 1.26 -27.84 -18.69
CA ASN B 150 0.95 -26.42 -18.59
C ASN B 150 -0.31 -26.25 -17.75
N VAL B 151 -0.24 -25.37 -16.76
CA VAL B 151 -1.30 -25.28 -15.76
C VAL B 151 -2.48 -24.53 -16.35
N ARG B 152 -3.66 -25.16 -16.29
CA ARG B 152 -4.90 -24.61 -16.79
C ARG B 152 -5.93 -24.60 -15.66
N VAL B 153 -7.13 -24.09 -15.95
CA VAL B 153 -8.17 -23.95 -14.95
C VAL B 153 -9.09 -25.17 -15.01
N SER B 154 -9.19 -25.89 -13.90
CA SER B 154 -10.03 -27.07 -13.82
C SER B 154 -11.50 -26.69 -13.90
N ARG B 155 -12.00 -25.98 -12.89
CA ARG B 155 -13.35 -25.45 -12.86
C ARG B 155 -13.33 -24.07 -12.24
N GLU B 156 -14.06 -23.14 -12.85
CA GLU B 156 -14.27 -21.81 -12.30
C GLU B 156 -15.52 -21.83 -11.43
N LEU B 157 -15.35 -21.61 -10.13
CA LEU B 157 -16.46 -21.71 -9.19
C LEU B 157 -17.17 -20.36 -9.07
N ALA B 158 -17.89 -19.99 -10.13
CA ALA B 158 -18.75 -18.84 -10.08
C ALA B 158 -20.01 -19.16 -9.30
N GLY B 159 -20.62 -18.12 -8.73
CA GLY B 159 -21.80 -18.30 -7.92
C GLY B 159 -21.86 -17.35 -6.74
N HIS B 160 -20.72 -16.77 -6.38
CA HIS B 160 -20.69 -15.74 -5.36
C HIS B 160 -21.05 -14.38 -5.96
N THR B 161 -21.89 -13.64 -5.25
CA THR B 161 -22.22 -12.27 -5.65
C THR B 161 -21.31 -11.25 -5.00
N GLY B 162 -20.28 -11.71 -4.27
CA GLY B 162 -19.33 -10.83 -3.63
C GLY B 162 -17.92 -11.32 -3.87
N TYR B 163 -16.97 -10.47 -3.52
CA TYR B 163 -15.56 -10.71 -3.80
C TYR B 163 -15.02 -11.91 -3.03
N LEU B 164 -14.19 -12.72 -3.67
CA LEU B 164 -13.56 -13.85 -3.00
C LEU B 164 -12.36 -13.37 -2.21
N SER B 165 -12.41 -13.57 -0.90
CA SER B 165 -11.41 -13.02 0.02
C SER B 165 -10.49 -14.07 0.62
N CYS B 166 -11.00 -15.26 0.94
CA CYS B 166 -10.13 -16.33 1.41
C CYS B 166 -10.66 -17.66 0.90
N CYS B 167 -9.74 -18.60 0.68
CA CYS B 167 -10.07 -19.93 0.23
C CYS B 167 -9.21 -20.94 0.98
N ARG B 168 -9.78 -22.12 1.23
CA ARG B 168 -9.10 -23.18 1.96
C ARG B 168 -9.55 -24.52 1.41
N PHE B 169 -8.60 -25.32 0.95
CA PHE B 169 -8.90 -26.65 0.40
C PHE B 169 -9.12 -27.65 1.52
N LEU B 170 -10.32 -28.24 1.56
CA LEU B 170 -10.58 -29.35 2.47
C LEU B 170 -9.75 -30.57 2.09
N ASP B 171 -9.83 -30.97 0.83
CA ASP B 171 -9.03 -32.04 0.26
C ASP B 171 -8.86 -31.73 -1.23
N ASP B 172 -8.53 -32.76 -2.01
CA ASP B 172 -8.23 -32.59 -3.43
C ASP B 172 -9.47 -32.19 -4.22
N ASN B 173 -10.66 -32.46 -3.69
CA ASN B 173 -11.90 -32.13 -4.39
C ASN B 173 -12.88 -31.19 -3.67
N GLN B 174 -12.60 -30.84 -2.43
CA GLN B 174 -13.49 -29.96 -1.66
C GLN B 174 -12.80 -28.66 -1.26
N ILE B 175 -13.44 -27.53 -1.49
CA ILE B 175 -12.82 -26.25 -1.16
C ILE B 175 -13.77 -25.19 -0.65
N VAL B 176 -13.75 -24.95 0.65
CA VAL B 176 -14.59 -23.89 1.20
C VAL B 176 -13.96 -22.55 0.83
N THR B 177 -14.80 -21.59 0.45
CA THR B 177 -14.35 -20.28 -0.01
C THR B 177 -15.04 -19.20 0.82
N SER B 178 -14.26 -18.41 1.54
CA SER B 178 -14.76 -17.17 2.12
C SER B 178 -15.03 -16.17 1.01
N SER B 179 -16.04 -15.33 1.19
CA SER B 179 -16.42 -14.42 0.13
C SER B 179 -16.99 -13.13 0.71
N GLY B 180 -17.06 -12.12 -0.15
CA GLY B 180 -17.55 -10.80 0.18
C GLY B 180 -19.03 -10.59 0.05
N ASP B 181 -19.81 -11.64 -0.18
CA ASP B 181 -21.27 -11.56 -0.24
C ASP B 181 -21.92 -11.93 1.07
N THR B 182 -21.19 -11.78 2.18
CA THR B 182 -21.49 -12.14 3.57
C THR B 182 -21.60 -13.64 3.80
N THR B 183 -21.38 -14.47 2.77
CA THR B 183 -21.55 -15.91 2.87
C THR B 183 -20.25 -16.61 2.49
N CYS B 184 -19.77 -17.47 3.37
CA CYS B 184 -18.82 -18.48 2.93
C CYS B 184 -19.57 -19.59 2.21
N ALA B 185 -18.86 -20.34 1.39
CA ALA B 185 -19.49 -21.40 0.63
C ALA B 185 -18.56 -22.59 0.49
N LEU B 186 -19.09 -23.78 0.72
CA LEU B 186 -18.40 -25.04 0.47
C LEU B 186 -18.71 -25.48 -0.95
N TRP B 187 -17.67 -25.69 -1.76
CA TRP B 187 -17.85 -26.09 -3.15
C TRP B 187 -17.31 -27.48 -3.39
N ASP B 188 -17.55 -27.97 -4.60
CA ASP B 188 -17.05 -29.25 -5.09
C ASP B 188 -16.54 -29.02 -6.50
N ILE B 189 -15.27 -29.35 -6.73
CA ILE B 189 -14.66 -29.18 -8.05
C ILE B 189 -15.27 -30.14 -9.06
N GLU B 190 -15.67 -31.35 -8.62
CA GLU B 190 -16.19 -32.37 -9.52
C GLU B 190 -17.51 -31.96 -10.15
N THR B 191 -18.35 -31.21 -9.42
CA THR B 191 -19.60 -30.73 -9.99
C THR B 191 -19.61 -29.23 -10.26
N GLY B 192 -18.66 -28.47 -9.72
CA GLY B 192 -18.56 -27.06 -10.00
C GLY B 192 -19.54 -26.17 -9.26
N GLN B 193 -20.35 -26.72 -8.37
CA GLN B 193 -21.38 -25.97 -7.67
C GLN B 193 -21.07 -25.93 -6.18
N GLN B 194 -21.88 -25.17 -5.44
CA GLN B 194 -21.74 -25.12 -3.99
C GLN B 194 -22.33 -26.37 -3.36
N THR B 195 -21.55 -27.02 -2.49
CA THR B 195 -22.10 -28.09 -1.67
C THR B 195 -23.07 -27.52 -0.64
N THR B 196 -22.65 -26.47 0.07
CA THR B 196 -23.52 -25.75 0.99
C THR B 196 -23.03 -24.32 1.11
N THR B 197 -23.90 -23.45 1.60
CA THR B 197 -23.62 -22.03 1.73
C THR B 197 -23.78 -21.62 3.19
N PHE B 198 -22.83 -20.84 3.68
CA PHE B 198 -22.74 -20.47 5.10
C PHE B 198 -23.25 -19.04 5.26
N THR B 199 -24.57 -18.91 5.42
CA THR B 199 -25.23 -17.61 5.48
C THR B 199 -25.51 -17.21 6.93
N GLY B 200 -24.44 -16.87 7.65
CA GLY B 200 -24.60 -16.39 9.00
C GLY B 200 -23.96 -15.05 9.27
N HIS B 201 -22.93 -14.72 8.51
CA HIS B 201 -22.23 -13.45 8.67
C HIS B 201 -23.06 -12.31 8.11
N THR B 202 -22.86 -11.12 8.68
CA THR B 202 -23.62 -9.93 8.30
C THR B 202 -22.79 -8.91 7.54
N GLY B 203 -21.47 -9.12 7.44
CA GLY B 203 -20.62 -8.30 6.61
C GLY B 203 -19.76 -9.16 5.72
N ASP B 204 -19.05 -8.49 4.81
CA ASP B 204 -18.21 -9.20 3.86
C ASP B 204 -17.03 -9.91 4.53
N VAL B 205 -16.92 -11.21 4.28
CA VAL B 205 -16.11 -12.12 5.07
C VAL B 205 -14.70 -12.12 4.52
N MET B 206 -13.71 -12.01 5.40
CA MET B 206 -12.34 -11.78 4.97
C MET B 206 -11.45 -13.01 4.99
N SER B 207 -11.31 -13.66 6.13
CA SER B 207 -10.31 -14.71 6.25
C SER B 207 -10.98 -16.02 6.63
N LEU B 208 -10.25 -17.10 6.40
CA LEU B 208 -10.78 -18.45 6.49
C LEU B 208 -9.68 -19.35 7.02
N SER B 209 -10.08 -20.38 7.76
CA SER B 209 -9.12 -21.33 8.32
C SER B 209 -9.80 -22.66 8.51
N LEU B 210 -9.12 -23.74 8.14
CA LEU B 210 -9.59 -25.10 8.39
C LEU B 210 -8.84 -25.72 9.56
N ALA B 211 -9.56 -26.56 10.30
CA ALA B 211 -8.98 -27.23 11.45
C ALA B 211 -8.03 -28.33 10.99
N PRO B 212 -7.05 -28.69 11.83
CA PRO B 212 -6.16 -29.82 11.48
C PRO B 212 -6.87 -31.16 11.34
N ASP B 213 -7.95 -31.41 12.07
CA ASP B 213 -8.75 -32.60 11.86
C ASP B 213 -9.83 -32.40 10.81
N THR B 214 -9.84 -31.23 10.15
CA THR B 214 -10.61 -30.82 8.95
C THR B 214 -12.11 -31.12 9.03
N ARG B 215 -12.66 -31.27 10.24
CA ARG B 215 -14.08 -31.55 10.39
C ARG B 215 -14.91 -30.28 10.43
N LEU B 216 -14.37 -29.20 10.99
CA LEU B 216 -15.10 -27.94 11.13
C LEU B 216 -14.14 -26.80 10.87
N PHE B 217 -14.70 -25.59 10.76
CA PHE B 217 -13.91 -24.43 10.38
C PHE B 217 -14.54 -23.17 10.97
N VAL B 218 -13.74 -22.11 11.03
CA VAL B 218 -14.18 -20.80 11.49
C VAL B 218 -13.66 -19.74 10.52
N SER B 219 -14.51 -18.75 10.23
CA SER B 219 -14.17 -17.67 9.32
C SER B 219 -14.45 -16.35 10.02
N GLY B 220 -13.60 -15.36 9.76
CA GLY B 220 -13.74 -14.03 10.31
C GLY B 220 -14.21 -13.06 9.24
N ALA B 221 -15.17 -12.22 9.60
CA ALA B 221 -15.80 -11.31 8.66
C ALA B 221 -15.53 -9.87 9.07
N CYS B 222 -16.17 -8.94 8.37
CA CYS B 222 -16.11 -7.54 8.75
C CYS B 222 -17.24 -7.18 9.70
N ASP B 223 -17.37 -7.99 10.74
CA ASP B 223 -18.29 -7.80 11.83
C ASP B 223 -17.49 -7.65 13.11
N ALA B 224 -18.21 -7.64 14.22
CA ALA B 224 -17.58 -7.89 15.50
C ALA B 224 -17.36 -9.37 15.75
N SER B 225 -17.91 -10.23 14.89
CA SER B 225 -17.99 -11.67 15.11
C SER B 225 -17.10 -12.43 14.14
N ALA B 226 -16.53 -13.53 14.62
CA ALA B 226 -15.90 -14.56 13.79
C ALA B 226 -16.54 -15.88 14.19
N LYS B 227 -17.66 -16.20 13.57
CA LYS B 227 -18.46 -17.34 14.00
C LYS B 227 -17.97 -18.66 13.42
N LEU B 228 -18.04 -19.70 14.24
CA LEU B 228 -17.60 -21.04 13.89
C LEU B 228 -18.63 -21.71 12.99
N TRP B 229 -18.15 -22.63 12.16
CA TRP B 229 -18.97 -23.30 11.16
C TRP B 229 -18.73 -24.79 11.23
N ASP B 230 -19.61 -25.55 10.57
CA ASP B 230 -19.42 -26.98 10.39
C ASP B 230 -19.42 -27.29 8.90
N VAL B 231 -18.48 -28.13 8.49
CA VAL B 231 -18.34 -28.46 7.07
C VAL B 231 -19.48 -29.33 6.60
N ARG B 232 -19.74 -30.43 7.31
CA ARG B 232 -20.78 -31.37 6.88
C ARG B 232 -22.18 -30.85 7.19
N GLU B 233 -22.36 -30.19 8.33
CA GLU B 233 -23.68 -29.66 8.67
C GLU B 233 -24.03 -28.45 7.83
N GLY B 234 -23.06 -27.57 7.61
CA GLY B 234 -23.23 -26.48 6.66
C GLY B 234 -23.68 -25.15 7.22
N MET B 235 -23.76 -25.01 8.54
CA MET B 235 -24.24 -23.76 9.12
C MET B 235 -23.57 -23.54 10.47
N CYS B 236 -23.75 -22.34 11.01
CA CYS B 236 -23.00 -21.89 12.18
C CYS B 236 -23.43 -22.64 13.43
N ARG B 237 -22.44 -23.00 14.25
CA ARG B 237 -22.70 -23.70 15.50
C ARG B 237 -22.36 -22.85 16.72
N GLN B 238 -21.39 -21.95 16.61
CA GLN B 238 -21.02 -21.09 17.73
C GLN B 238 -20.41 -19.80 17.17
N THR B 239 -20.71 -18.69 17.82
CA THR B 239 -20.30 -17.37 17.32
C THR B 239 -19.39 -16.72 18.34
N PHE B 240 -18.23 -16.25 17.88
CA PHE B 240 -17.21 -15.60 18.71
C PHE B 240 -17.15 -14.14 18.34
N THR B 241 -17.81 -13.32 19.15
CA THR B 241 -17.96 -11.89 18.87
C THR B 241 -17.02 -11.12 19.81
N GLY B 242 -15.75 -11.02 19.39
CA GLY B 242 -14.75 -10.46 20.27
C GLY B 242 -14.01 -9.21 19.82
N HIS B 243 -14.01 -8.91 18.53
CA HIS B 243 -13.30 -7.74 18.00
C HIS B 243 -14.17 -6.52 17.81
N GLU B 244 -13.49 -5.38 17.90
CA GLU B 244 -14.13 -4.09 17.66
C GLU B 244 -14.31 -3.84 16.17
N SER B 245 -13.38 -4.33 15.34
CA SER B 245 -13.30 -3.92 13.94
C SER B 245 -13.30 -5.13 13.00
N ASP B 246 -13.00 -4.84 11.72
CA ASP B 246 -13.07 -5.79 10.62
C ASP B 246 -12.07 -6.91 10.75
N ILE B 247 -12.53 -8.13 11.03
CA ILE B 247 -11.63 -9.27 11.25
C ILE B 247 -11.10 -9.68 9.88
N ASN B 248 -9.87 -9.28 9.59
CA ASN B 248 -9.21 -9.59 8.33
C ASN B 248 -8.37 -10.86 8.40
N ALA B 249 -8.25 -11.46 9.58
CA ALA B 249 -7.27 -12.50 9.85
C ALA B 249 -7.90 -13.55 10.73
N ILE B 250 -7.66 -14.83 10.43
CA ILE B 250 -8.11 -15.90 11.31
C ILE B 250 -7.21 -17.11 11.07
N CYS B 251 -6.99 -17.89 12.14
CA CYS B 251 -6.18 -19.10 12.10
C CYS B 251 -6.46 -19.91 13.36
N PHE B 252 -6.68 -21.21 13.20
CA PHE B 252 -6.77 -22.09 14.36
C PHE B 252 -5.48 -22.25 15.13
N PHE B 253 -5.65 -22.46 16.43
CA PHE B 253 -4.68 -23.10 17.28
C PHE B 253 -4.39 -24.49 16.71
N PRO B 254 -3.17 -25.00 16.86
CA PRO B 254 -2.78 -26.24 16.18
C PRO B 254 -3.53 -27.50 16.63
N ASN B 255 -4.25 -27.46 17.76
CA ASN B 255 -5.13 -28.59 18.08
C ASN B 255 -6.45 -28.53 17.33
N GLY B 256 -6.87 -27.36 16.88
CA GLY B 256 -8.19 -27.17 16.32
C GLY B 256 -9.26 -26.85 17.34
N ASN B 257 -8.92 -26.86 18.63
CA ASN B 257 -9.85 -26.53 19.70
C ASN B 257 -9.89 -25.05 20.01
N ALA B 258 -9.06 -24.24 19.37
CA ALA B 258 -9.09 -22.80 19.55
C ALA B 258 -8.66 -22.13 18.26
N PHE B 259 -8.79 -20.81 18.23
CA PHE B 259 -8.37 -20.02 17.07
C PHE B 259 -8.15 -18.59 17.51
N ALA B 260 -7.28 -17.90 16.78
CA ALA B 260 -7.04 -16.48 16.97
C ALA B 260 -7.47 -15.72 15.72
N THR B 261 -8.14 -14.60 15.94
CA THR B 261 -8.52 -13.69 14.88
C THR B 261 -7.76 -12.39 15.01
N GLY B 262 -7.70 -11.65 13.90
CA GLY B 262 -7.07 -10.35 13.89
C GLY B 262 -7.88 -9.33 13.12
N SER B 263 -8.04 -8.12 13.66
CA SER B 263 -8.87 -7.12 13.03
C SER B 263 -8.16 -5.78 12.95
N ASP B 264 -8.89 -4.78 12.44
CA ASP B 264 -8.36 -3.45 12.21
C ASP B 264 -8.30 -2.59 13.47
N ASP B 265 -8.77 -3.11 14.61
CA ASP B 265 -8.74 -2.37 15.87
C ASP B 265 -7.41 -2.47 16.60
N ALA B 266 -6.35 -2.91 15.92
CA ALA B 266 -4.99 -3.10 16.43
C ALA B 266 -4.90 -4.11 17.57
N THR B 267 -5.91 -4.95 17.73
CA THR B 267 -5.91 -6.03 18.72
C THR B 267 -6.25 -7.32 17.98
N CYS B 268 -5.42 -8.33 18.17
CA CYS B 268 -5.78 -9.69 17.80
C CYS B 268 -6.04 -10.46 19.08
N ARG B 269 -7.14 -11.21 19.11
CA ARG B 269 -7.51 -11.98 20.28
C ARG B 269 -7.73 -13.44 19.91
N LEU B 270 -7.46 -14.31 20.88
CA LEU B 270 -7.63 -15.74 20.77
C LEU B 270 -8.97 -16.16 21.36
N PHE B 271 -9.59 -17.17 20.77
CA PHE B 271 -10.83 -17.72 21.30
C PHE B 271 -10.78 -19.24 21.27
N ASP B 272 -11.35 -19.86 22.30
CA ASP B 272 -11.39 -21.32 22.44
C ASP B 272 -12.75 -21.84 22.03
N LEU B 273 -12.76 -22.92 21.25
CA LEU B 273 -14.01 -23.51 20.77
C LEU B 273 -14.82 -24.09 21.92
N ARG B 274 -14.15 -24.74 22.87
CA ARG B 274 -14.83 -25.32 24.01
C ARG B 274 -15.35 -24.25 24.95
N ALA B 275 -14.71 -23.10 24.99
CA ALA B 275 -15.24 -21.93 25.68
C ALA B 275 -16.11 -21.14 24.72
N ASP B 276 -16.51 -19.93 25.11
CA ASP B 276 -17.35 -19.09 24.27
C ASP B 276 -16.89 -17.64 24.24
N GLN B 277 -15.85 -17.30 24.98
CA GLN B 277 -15.48 -15.91 25.23
C GLN B 277 -14.12 -15.60 24.61
N GLU B 278 -13.79 -14.30 24.64
CA GLU B 278 -12.43 -13.86 24.40
C GLU B 278 -11.50 -14.43 25.46
N LEU B 279 -10.36 -14.94 25.02
CA LEU B 279 -9.43 -15.52 25.99
C LEU B 279 -8.60 -14.43 26.65
N MET B 280 -7.73 -13.77 25.88
CA MET B 280 -6.91 -12.66 26.35
C MET B 280 -6.33 -11.94 25.13
N THR B 281 -6.09 -10.64 25.30
CA THR B 281 -5.87 -9.71 24.20
C THR B 281 -4.38 -9.57 23.91
N TYR B 282 -4.01 -9.70 22.63
CA TYR B 282 -2.65 -9.42 22.17
C TYR B 282 -2.62 -8.01 21.60
N SER B 283 -2.45 -7.02 22.47
CA SER B 283 -2.39 -5.63 22.04
C SER B 283 -1.24 -4.92 22.72
N HIS B 284 -0.74 -3.88 22.06
CA HIS B 284 0.27 -3.00 22.62
C HIS B 284 -0.08 -1.58 22.22
N ASP B 285 0.28 -0.61 23.08
CA ASP B 285 -0.17 0.76 22.89
C ASP B 285 0.53 1.46 21.73
N ASN B 286 1.71 0.98 21.33
CA ASN B 286 2.41 1.57 20.20
C ASN B 286 1.71 1.21 18.89
N ILE B 287 1.04 0.07 18.86
CA ILE B 287 0.37 -0.41 17.65
C ILE B 287 -0.92 0.38 17.45
N ILE B 288 -0.98 1.14 16.36
CA ILE B 288 -2.16 1.91 15.98
C ILE B 288 -2.60 1.51 14.59
N CYS B 289 -2.37 0.25 14.22
CA CYS B 289 -2.56 -0.19 12.85
C CYS B 289 -3.32 -1.51 12.81
N GLY B 290 -3.96 -1.77 11.67
CA GLY B 290 -4.80 -2.95 11.53
C GLY B 290 -4.01 -4.24 11.40
N ILE B 291 -4.75 -5.35 11.48
CA ILE B 291 -4.16 -6.68 11.42
C ILE B 291 -4.80 -7.41 10.24
N THR B 292 -3.98 -7.97 9.36
CA THR B 292 -4.46 -8.64 8.16
C THR B 292 -4.21 -10.14 8.12
N SER B 293 -3.16 -10.64 8.75
CA SER B 293 -2.94 -12.08 8.72
C SER B 293 -2.31 -12.56 10.02
N VAL B 294 -3.05 -13.42 10.72
CA VAL B 294 -2.54 -14.12 11.89
C VAL B 294 -2.26 -15.57 11.49
N SER B 295 -1.25 -16.17 12.11
CA SER B 295 -0.95 -17.57 11.86
C SER B 295 -0.27 -18.15 13.10
N PHE B 296 -0.43 -19.46 13.27
CA PHE B 296 0.06 -20.18 14.44
C PHE B 296 1.18 -21.15 14.04
N SER B 297 2.13 -21.34 14.95
CA SER B 297 3.27 -22.22 14.72
C SER B 297 2.88 -23.68 14.95
N LYS B 298 3.88 -24.57 14.98
CA LYS B 298 3.65 -25.94 15.44
C LYS B 298 3.19 -25.97 16.89
N SER B 299 3.94 -25.34 17.78
CA SER B 299 3.42 -25.19 19.13
C SER B 299 2.44 -24.04 19.16
N GLY B 300 1.51 -24.12 20.10
CA GLY B 300 0.54 -23.04 20.24
C GLY B 300 1.14 -21.77 20.79
N ARG B 301 2.18 -21.90 21.63
CA ARG B 301 2.82 -20.74 22.26
C ARG B 301 3.76 -20.08 21.25
N LEU B 302 3.15 -19.53 20.18
CA LEU B 302 3.76 -18.53 19.30
C LEU B 302 2.66 -18.01 18.38
N LEU B 303 2.52 -16.70 18.20
CA LEU B 303 1.48 -16.17 17.31
C LEU B 303 2.09 -15.13 16.38
N LEU B 304 2.11 -15.46 15.10
CA LEU B 304 2.60 -14.56 14.05
C LEU B 304 1.40 -13.78 13.54
N ALA B 305 1.29 -12.52 13.94
CA ALA B 305 0.24 -11.64 13.44
C ALA B 305 0.84 -10.59 12.51
N GLY B 306 0.17 -10.35 11.38
CA GLY B 306 0.65 -9.41 10.37
C GLY B 306 -0.11 -8.11 10.44
N TYR B 307 0.63 -7.01 10.44
CA TYR B 307 0.13 -5.70 10.83
C TYR B 307 0.16 -4.71 9.68
N ASP B 308 -0.43 -3.55 9.93
CA ASP B 308 -0.45 -2.46 8.97
C ASP B 308 0.62 -1.41 9.23
N ASP B 309 1.48 -1.63 10.23
CA ASP B 309 2.69 -0.81 10.40
C ASP B 309 3.89 -1.40 9.67
N PHE B 310 3.63 -2.21 8.64
CA PHE B 310 4.60 -2.78 7.70
C PHE B 310 5.49 -3.84 8.36
N ASN B 311 5.13 -4.30 9.55
CA ASN B 311 5.88 -5.30 10.29
C ASN B 311 4.91 -6.41 10.74
N CYS B 312 5.48 -7.52 11.20
CA CYS B 312 4.69 -8.64 11.71
C CYS B 312 5.06 -8.82 13.18
N ASN B 313 4.30 -8.17 14.06
CA ASN B 313 4.58 -8.23 15.49
C ASN B 313 4.16 -9.59 16.02
N VAL B 314 5.14 -10.46 16.24
CA VAL B 314 4.89 -11.81 16.72
C VAL B 314 4.83 -11.79 18.25
N TRP B 315 3.87 -12.50 18.82
CA TRP B 315 3.71 -12.60 20.27
C TRP B 315 4.06 -13.98 20.82
N ASP B 316 4.09 -14.01 22.14
CA ASP B 316 4.28 -15.21 22.94
C ASP B 316 3.03 -16.10 22.92
N ALA B 317 1.90 -15.54 22.48
CA ALA B 317 0.61 -16.21 22.23
C ALA B 317 -0.12 -16.66 23.50
N LEU B 318 0.51 -16.50 24.67
CA LEU B 318 -0.15 -16.85 25.91
C LEU B 318 0.06 -15.85 27.04
N LYS B 319 0.89 -14.81 26.84
CA LYS B 319 1.26 -13.92 27.93
C LYS B 319 1.22 -12.44 27.55
N ALA B 320 0.70 -12.10 26.35
CA ALA B 320 0.66 -10.73 25.81
C ALA B 320 2.04 -10.09 25.73
N ASP B 321 3.07 -10.90 25.48
CA ASP B 321 4.43 -10.42 25.31
C ASP B 321 4.76 -10.45 23.83
N ARG B 322 5.18 -9.30 23.30
CA ARG B 322 5.58 -9.21 21.89
C ARG B 322 6.91 -9.94 21.74
N ALA B 323 6.86 -11.15 21.16
CA ALA B 323 8.02 -12.01 21.10
C ALA B 323 9.06 -11.53 20.10
N GLY B 324 8.69 -10.63 19.19
CA GLY B 324 9.64 -10.09 18.24
C GLY B 324 8.92 -9.21 17.24
N VAL B 325 9.73 -8.46 16.50
CA VAL B 325 9.24 -7.62 15.41
C VAL B 325 9.86 -8.14 14.13
N LEU B 326 9.01 -8.55 13.18
CA LEU B 326 9.46 -9.03 11.88
C LEU B 326 9.50 -7.89 10.87
N ALA B 327 10.29 -6.89 11.20
CA ALA B 327 10.42 -5.72 10.33
C ALA B 327 11.28 -6.06 9.11
N GLY B 328 11.06 -5.31 8.04
CA GLY B 328 11.81 -5.50 6.83
C GLY B 328 10.96 -5.36 5.59
N HIS B 329 9.65 -5.20 5.77
CA HIS B 329 8.72 -4.98 4.68
C HIS B 329 8.44 -3.48 4.58
N ASP B 330 8.56 -2.92 3.38
CA ASP B 330 8.32 -1.49 3.22
C ASP B 330 6.85 -1.15 3.12
N ASN B 331 6.04 -2.07 2.59
CA ASN B 331 4.61 -1.87 2.49
C ASN B 331 3.91 -2.87 3.40
N ARG B 332 2.57 -2.87 3.35
CA ARG B 332 1.77 -3.54 4.37
C ARG B 332 1.84 -5.05 4.21
N VAL B 333 2.07 -5.76 5.31
CA VAL B 333 2.06 -7.23 5.22
C VAL B 333 0.63 -7.74 5.23
N SER B 334 0.22 -8.30 4.10
CA SER B 334 -1.17 -8.68 3.87
C SER B 334 -1.41 -10.17 4.03
N CYS B 335 -0.37 -10.98 4.06
CA CYS B 335 -0.60 -12.42 4.20
C CYS B 335 0.60 -13.16 4.76
N LEU B 336 0.54 -13.49 6.03
CA LEU B 336 1.62 -14.24 6.65
C LEU B 336 1.09 -15.58 7.09
N GLY B 337 1.78 -16.64 6.71
CA GLY B 337 1.38 -17.98 7.09
C GLY B 337 2.57 -18.79 7.54
N VAL B 338 2.34 -19.83 8.33
CA VAL B 338 3.43 -20.67 8.80
C VAL B 338 3.34 -22.07 8.17
N THR B 339 4.48 -22.77 8.09
CA THR B 339 4.51 -24.11 7.51
C THR B 339 3.77 -25.10 8.40
N ASP B 340 3.28 -26.17 7.77
CA ASP B 340 2.47 -27.17 8.47
C ASP B 340 3.33 -27.93 9.48
N ASP B 341 4.60 -28.16 9.17
CA ASP B 341 5.51 -28.77 10.14
C ASP B 341 6.23 -27.75 11.00
N GLY B 342 5.97 -26.46 10.80
CA GLY B 342 6.55 -25.44 11.65
C GLY B 342 7.94 -24.98 11.27
N MET B 343 8.37 -25.23 10.03
CA MET B 343 9.72 -24.84 9.60
C MET B 343 9.87 -23.32 9.58
N ALA B 344 9.08 -22.64 8.76
CA ALA B 344 9.30 -21.24 8.48
C ALA B 344 8.02 -20.45 8.52
N VAL B 345 8.17 -19.14 8.45
CA VAL B 345 7.07 -18.18 8.33
C VAL B 345 7.36 -17.36 7.08
N ALA B 346 6.42 -17.33 6.15
CA ALA B 346 6.58 -16.51 4.96
C ALA B 346 5.50 -15.44 4.97
N THR B 347 5.92 -14.18 5.06
CA THR B 347 5.01 -13.04 5.15
C THR B 347 5.05 -12.32 3.81
N GLY B 348 4.07 -12.62 2.97
CA GLY B 348 3.88 -11.82 1.77
C GLY B 348 3.30 -10.46 2.12
N SER B 349 3.73 -9.45 1.40
CA SER B 349 3.36 -8.09 1.74
C SER B 349 3.04 -7.31 0.49
N TRP B 350 2.64 -6.07 0.71
CA TRP B 350 2.23 -5.20 -0.39
C TRP B 350 3.39 -4.60 -1.15
N ASP B 351 4.63 -4.84 -0.74
CA ASP B 351 5.80 -4.40 -1.48
C ASP B 351 6.28 -5.46 -2.49
N SER B 352 5.40 -6.37 -2.90
CA SER B 352 5.57 -7.30 -4.02
C SER B 352 6.64 -8.36 -3.78
N PHE B 353 7.08 -8.54 -2.53
CA PHE B 353 8.00 -9.62 -2.16
C PHE B 353 7.48 -10.34 -0.93
N LEU B 354 7.62 -11.67 -0.94
CA LEU B 354 7.47 -12.44 0.28
C LEU B 354 8.85 -12.57 0.94
N LYS B 355 8.85 -12.76 2.25
CA LYS B 355 10.09 -13.05 2.96
C LYS B 355 9.92 -14.25 3.87
N ILE B 356 10.86 -15.19 3.78
CA ILE B 356 10.89 -16.36 4.64
C ILE B 356 11.52 -15.97 5.97
N TRP B 357 10.90 -16.39 7.07
CA TRP B 357 11.36 -16.07 8.42
C TRP B 357 11.60 -17.35 9.20
N ASN B 358 12.60 -17.32 10.07
CA ASN B 358 12.96 -18.48 10.88
C ASN B 358 13.58 -18.07 12.21
N SER C 8 -34.56 -7.52 8.22
CA SER C 8 -35.87 -8.08 7.91
C SER C 8 -36.26 -9.16 8.92
N ILE C 9 -37.53 -9.57 8.86
CA ILE C 9 -38.05 -10.56 9.79
C ILE C 9 -37.45 -11.94 9.53
N ALA C 10 -37.10 -12.25 8.27
CA ALA C 10 -36.52 -13.55 7.96
C ALA C 10 -35.10 -13.68 8.51
N GLN C 11 -34.27 -12.64 8.31
CA GLN C 11 -32.92 -12.69 8.86
C GLN C 11 -32.94 -12.55 10.37
N ALA C 12 -33.93 -11.83 10.92
CA ALA C 12 -34.08 -11.78 12.38
C ALA C 12 -34.45 -13.14 12.95
N ARG C 13 -35.32 -13.89 12.25
CA ARG C 13 -35.69 -15.23 12.69
C ARG C 13 -34.51 -16.19 12.58
N LYS C 14 -33.71 -16.08 11.52
CA LYS C 14 -32.51 -16.88 11.39
C LYS C 14 -31.50 -16.54 12.49
N LEU C 15 -31.38 -15.25 12.83
CA LEU C 15 -30.46 -14.83 13.88
C LEU C 15 -30.89 -15.33 15.25
N VAL C 16 -32.20 -15.27 15.55
CA VAL C 16 -32.62 -15.74 16.87
C VAL C 16 -32.60 -17.26 16.93
N GLU C 17 -32.79 -17.96 15.80
CA GLU C 17 -32.63 -19.41 15.81
C GLU C 17 -31.18 -19.81 16.02
N GLN C 18 -30.25 -19.07 15.42
CA GLN C 18 -28.83 -19.27 15.66
C GLN C 18 -28.48 -18.99 17.11
N LEU C 19 -29.10 -17.96 17.70
CA LEU C 19 -28.86 -17.66 19.11
C LEU C 19 -29.48 -18.71 20.04
N LYS C 20 -30.61 -19.33 19.65
CA LYS C 20 -31.17 -20.41 20.44
C LYS C 20 -30.29 -21.65 20.41
N MET C 21 -29.85 -22.07 19.22
CA MET C 21 -29.05 -23.29 19.20
C MET C 21 -27.60 -23.07 19.55
N GLU C 22 -27.15 -21.80 19.64
CA GLU C 22 -25.76 -21.51 19.96
C GLU C 22 -25.48 -21.58 21.45
N ALA C 23 -26.45 -21.15 22.27
CA ALA C 23 -26.29 -21.24 23.72
C ALA C 23 -26.36 -22.68 24.21
N ASN C 24 -27.15 -23.52 23.52
CA ASN C 24 -27.49 -24.85 24.03
C ASN C 24 -26.30 -25.81 24.02
N ILE C 25 -25.29 -25.56 23.18
CA ILE C 25 -24.17 -26.49 23.05
C ILE C 25 -23.32 -26.47 24.31
N ASP C 26 -22.58 -27.57 24.50
CA ASP C 26 -21.69 -27.76 25.64
C ASP C 26 -20.65 -26.66 25.76
N ARG C 27 -20.49 -26.15 26.97
CA ARG C 27 -19.63 -25.00 27.25
C ARG C 27 -18.91 -25.26 28.57
N ILE C 28 -17.65 -25.69 28.49
CA ILE C 28 -16.90 -26.07 29.69
C ILE C 28 -16.30 -24.82 30.31
N LYS C 29 -15.81 -24.95 31.55
CA LYS C 29 -15.08 -23.87 32.19
C LYS C 29 -13.76 -23.62 31.48
N VAL C 30 -13.33 -22.35 31.49
CA VAL C 30 -12.24 -21.93 30.62
C VAL C 30 -10.88 -22.33 31.17
N SER C 31 -10.78 -22.69 32.46
CA SER C 31 -9.52 -23.11 33.04
C SER C 31 -9.07 -24.46 32.49
N LYS C 32 -10.02 -25.36 32.24
CA LYS C 32 -9.71 -26.62 31.58
C LYS C 32 -9.26 -26.39 30.14
N ALA C 33 -9.92 -25.45 29.44
CA ALA C 33 -9.58 -25.18 28.05
C ALA C 33 -8.20 -24.54 27.91
N ALA C 34 -7.91 -23.52 28.72
CA ALA C 34 -6.59 -22.89 28.70
C ALA C 34 -5.51 -23.83 29.23
N ALA C 35 -5.88 -24.71 30.17
CA ALA C 35 -4.94 -25.73 30.65
C ALA C 35 -4.59 -26.72 29.56
N ASP C 36 -5.57 -27.10 28.74
CA ASP C 36 -5.28 -27.98 27.60
C ASP C 36 -4.51 -27.25 26.51
N LEU C 37 -4.73 -25.95 26.35
CA LEU C 37 -3.92 -25.16 25.41
C LEU C 37 -2.46 -25.14 25.84
N MET C 38 -2.20 -24.86 27.12
CA MET C 38 -0.83 -24.91 27.63
C MET C 38 -0.26 -26.33 27.57
N ALA C 39 -1.11 -27.34 27.77
CA ALA C 39 -0.67 -28.73 27.64
C ALA C 39 -0.17 -29.01 26.23
N TYR C 40 -0.88 -28.50 25.23
CA TYR C 40 -0.43 -28.65 23.84
C TYR C 40 0.84 -27.84 23.59
N CYS C 41 0.87 -26.60 24.08
CA CYS C 41 2.01 -25.73 23.86
C CYS C 41 3.31 -26.40 24.28
N GLU C 42 3.36 -26.82 25.54
CA GLU C 42 4.54 -27.52 26.04
C GLU C 42 4.71 -28.85 25.31
N ALA C 43 3.60 -29.53 25.08
CA ALA C 43 3.60 -30.83 24.40
C ALA C 43 4.22 -30.80 23.02
N HIS C 44 4.26 -29.62 22.40
CA HIS C 44 4.83 -29.46 21.07
C HIS C 44 5.87 -28.35 20.99
N ALA C 45 6.32 -27.83 22.13
CA ALA C 45 7.43 -26.87 22.11
C ALA C 45 8.74 -27.53 21.70
N LYS C 46 8.93 -28.80 22.09
CA LYS C 46 10.10 -29.53 21.63
C LYS C 46 10.00 -29.88 20.15
N GLU C 47 8.78 -29.99 19.64
CA GLU C 47 8.54 -30.20 18.22
C GLU C 47 8.31 -28.90 17.46
N ASP C 48 8.53 -27.74 18.10
CA ASP C 48 8.37 -26.47 17.43
C ASP C 48 9.73 -25.99 16.95
N PRO C 49 9.93 -25.83 15.65
CA PRO C 49 11.21 -25.33 15.13
C PRO C 49 11.30 -23.82 15.09
N LEU C 50 10.42 -23.13 15.81
CA LEU C 50 10.38 -21.68 15.80
C LEU C 50 10.58 -21.04 17.16
N LEU C 51 10.40 -21.77 18.26
CA LEU C 51 10.68 -21.22 19.58
C LEU C 51 12.17 -21.05 19.81
N THR C 52 12.95 -22.06 19.48
CA THR C 52 14.39 -21.97 19.59
C THR C 52 15.00 -21.80 18.20
N PRO C 53 16.11 -21.07 18.09
CA PRO C 53 16.79 -20.97 16.79
C PRO C 53 17.39 -22.33 16.41
N VAL C 54 17.00 -22.81 15.23
CA VAL C 54 17.36 -24.14 14.76
C VAL C 54 18.67 -24.04 13.98
N PRO C 55 19.66 -24.87 14.27
CA PRO C 55 20.90 -24.86 13.47
C PRO C 55 20.65 -25.30 12.04
N ALA C 56 21.53 -24.84 11.15
CA ALA C 56 21.38 -25.01 9.72
C ALA C 56 21.64 -26.44 9.24
N SER C 57 22.05 -27.35 10.13
CA SER C 57 22.22 -28.75 9.76
C SER C 57 20.89 -29.39 9.40
N GLU C 58 19.82 -29.08 10.14
CA GLU C 58 18.50 -29.61 9.86
C GLU C 58 17.51 -28.52 9.43
N ASN C 59 17.91 -27.25 9.44
CA ASN C 59 17.06 -26.16 8.97
C ASN C 59 17.23 -26.01 7.46
N PRO C 60 16.16 -26.13 6.67
CA PRO C 60 16.29 -26.01 5.21
C PRO C 60 16.37 -24.59 4.69
N PHE C 61 16.48 -23.58 5.55
CA PHE C 61 16.56 -22.19 5.12
C PHE C 61 17.85 -21.52 5.59
N ARG C 62 18.89 -22.31 5.89
CA ARG C 62 20.19 -21.87 6.40
C ARG C 62 20.08 -20.94 7.62
N GLN D 1 -18.91 -8.39 22.52
CA GLN D 1 -20.02 -7.99 21.66
C GLN D 1 -20.04 -6.49 21.42
N VAL D 2 -20.05 -6.10 20.14
CA VAL D 2 -20.26 -4.71 19.76
C VAL D 2 -21.72 -4.59 19.37
N GLN D 3 -22.52 -4.00 20.26
CA GLN D 3 -23.93 -3.72 19.98
C GLN D 3 -24.15 -2.22 20.12
N LEU D 4 -25.11 -1.71 19.35
CA LEU D 4 -25.29 -0.27 19.18
C LEU D 4 -26.76 0.04 19.46
N GLN D 5 -27.07 0.28 20.74
CA GLN D 5 -28.45 0.51 21.16
C GLN D 5 -28.76 2.00 21.11
N GLU D 6 -29.43 2.43 20.04
CA GLU D 6 -29.83 3.82 19.90
C GLU D 6 -31.00 4.14 20.82
N SER D 7 -31.11 5.43 21.17
CA SER D 7 -32.21 5.93 21.98
C SER D 7 -32.71 7.24 21.38
N GLY D 8 -33.97 7.54 21.64
CA GLY D 8 -34.61 8.73 21.11
C GLY D 8 -35.62 8.40 20.03
N GLY D 9 -36.07 9.46 19.36
CA GLY D 9 -37.02 9.31 18.28
C GLY D 9 -38.46 9.55 18.68
N GLY D 10 -39.37 8.79 18.11
CA GLY D 10 -40.77 8.89 18.46
C GLY D 10 -41.51 9.95 17.67
N LEU D 11 -42.77 10.13 18.03
CA LEU D 11 -43.65 11.09 17.36
C LEU D 11 -43.39 12.47 17.93
N VAL D 12 -42.55 13.25 17.25
CA VAL D 12 -42.16 14.59 17.66
C VAL D 12 -42.57 15.55 16.55
N GLN D 13 -43.19 16.67 16.93
CA GLN D 13 -43.62 17.66 15.96
C GLN D 13 -42.41 18.31 15.28
N PRO D 14 -42.55 18.74 14.02
CA PRO D 14 -41.44 19.42 13.33
C PRO D 14 -41.09 20.75 13.99
N GLY D 15 -39.79 21.04 14.01
CA GLY D 15 -39.28 22.21 14.70
C GLY D 15 -38.94 21.98 16.15
N GLY D 16 -39.25 20.81 16.70
CA GLY D 16 -39.00 20.53 18.11
C GLY D 16 -37.67 19.81 18.31
N SER D 17 -37.00 20.13 19.41
CA SER D 17 -35.69 19.59 19.69
C SER D 17 -35.79 18.12 20.13
N LEU D 18 -34.78 17.35 19.76
CA LEU D 18 -34.70 15.94 20.13
C LEU D 18 -33.25 15.59 20.39
N ARG D 19 -33.02 14.76 21.41
CA ARG D 19 -31.70 14.24 21.74
C ARG D 19 -31.59 12.82 21.23
N LEU D 20 -30.69 12.60 20.27
CA LEU D 20 -30.39 11.27 19.76
C LEU D 20 -29.13 10.75 20.43
N SER D 21 -29.21 9.54 20.97
CA SER D 21 -28.07 8.93 21.62
C SER D 21 -28.04 7.44 21.31
N CYS D 22 -26.84 6.88 21.27
CA CYS D 22 -26.64 5.45 21.12
C CYS D 22 -25.75 4.96 22.24
N ALA D 23 -25.99 3.71 22.67
CA ALA D 23 -25.29 3.16 23.82
C ALA D 23 -23.81 2.94 23.50
N ALA D 24 -23.54 2.29 22.37
CA ALA D 24 -22.23 2.26 21.71
C ALA D 24 -21.13 1.63 22.57
N SER D 25 -21.42 0.44 23.09
CA SER D 25 -20.44 -0.28 23.90
C SER D 25 -19.90 -1.49 23.14
N GLY D 26 -18.83 -2.06 23.68
CA GLY D 26 -18.14 -3.16 23.04
C GLY D 26 -16.91 -2.77 22.26
N PHE D 27 -16.71 -1.47 22.01
CA PHE D 27 -15.50 -0.98 21.36
C PHE D 27 -15.01 0.24 22.12
N THR D 28 -13.72 0.55 21.95
CA THR D 28 -13.11 1.68 22.63
C THR D 28 -13.54 2.96 21.93
N PHE D 29 -14.36 3.76 22.62
CA PHE D 29 -14.98 4.93 22.02
C PHE D 29 -13.96 6.03 21.71
N SER D 30 -12.89 6.12 22.51
CA SER D 30 -11.90 7.17 22.32
C SER D 30 -11.06 6.97 21.08
N ASN D 31 -11.06 5.77 20.50
CA ASN D 31 -10.26 5.50 19.32
C ASN D 31 -11.03 5.63 18.01
N TYR D 32 -12.36 5.60 18.06
CA TYR D 32 -13.16 5.46 16.84
C TYR D 32 -13.79 6.78 16.42
N LYS D 33 -13.69 7.07 15.12
CA LYS D 33 -14.50 8.12 14.52
C LYS D 33 -15.93 7.64 14.47
N MET D 34 -16.87 8.51 14.80
CA MET D 34 -18.24 8.11 15.08
C MET D 34 -19.14 8.81 14.07
N ASN D 35 -20.31 8.23 13.80
CA ASN D 35 -21.12 8.66 12.68
C ASN D 35 -22.59 8.70 13.06
N TRP D 36 -23.37 9.35 12.21
CA TRP D 36 -24.83 9.28 12.26
C TRP D 36 -25.33 9.15 10.83
N VAL D 37 -26.17 8.16 10.58
CA VAL D 37 -26.67 7.84 9.25
C VAL D 37 -28.18 7.69 9.33
N ARG D 38 -28.91 8.32 8.42
CA ARG D 38 -30.36 8.20 8.38
C ARG D 38 -30.80 7.43 7.16
N GLN D 39 -31.99 6.85 7.23
CA GLN D 39 -32.55 6.05 6.14
C GLN D 39 -34.06 6.25 6.09
N ALA D 40 -34.52 7.03 5.12
CA ALA D 40 -35.95 7.18 4.92
C ALA D 40 -36.52 5.98 4.18
N PRO D 41 -37.78 5.63 4.41
CA PRO D 41 -38.38 4.49 3.70
C PRO D 41 -38.53 4.78 2.22
N GLY D 42 -38.01 3.87 1.39
CA GLY D 42 -38.01 4.04 -0.05
C GLY D 42 -36.98 5.00 -0.57
N LYS D 43 -36.00 5.40 0.24
CA LYS D 43 -34.99 6.37 -0.15
C LYS D 43 -33.59 5.79 -0.12
N GLY D 44 -33.21 5.14 0.97
CA GLY D 44 -31.88 4.57 1.12
C GLY D 44 -31.14 5.19 2.29
N LEU D 45 -29.99 4.58 2.59
CA LEU D 45 -29.16 5.03 3.70
C LEU D 45 -28.47 6.34 3.33
N GLU D 46 -28.65 7.36 4.16
CA GLU D 46 -28.09 8.68 3.90
C GLU D 46 -27.25 9.11 5.10
N TRP D 47 -26.03 9.54 4.84
CA TRP D 47 -25.15 10.02 5.88
C TRP D 47 -25.64 11.37 6.42
N VAL D 48 -25.52 11.57 7.73
CA VAL D 48 -25.97 12.79 8.39
C VAL D 48 -24.79 13.60 8.91
N SER D 49 -24.00 13.01 9.82
CA SER D 49 -22.90 13.74 10.41
C SER D 49 -21.84 12.76 10.88
N ASP D 50 -20.64 13.28 11.09
CA ASP D 50 -19.55 12.52 11.69
C ASP D 50 -18.86 13.35 12.75
N ILE D 51 -18.26 12.65 13.72
CA ILE D 51 -17.37 13.27 14.69
C ILE D 51 -16.13 12.39 14.81
N SER D 52 -14.97 13.02 14.85
CA SER D 52 -13.71 12.29 14.89
C SER D 52 -13.36 11.97 16.34
N GLN D 53 -12.13 11.53 16.57
CA GLN D 53 -11.65 11.27 17.92
C GLN D 53 -11.45 12.59 18.65
N SER D 54 -12.10 12.72 19.82
CA SER D 54 -12.08 13.91 20.68
C SER D 54 -12.60 15.16 19.98
N GLY D 55 -13.50 14.98 19.01
CA GLY D 55 -14.15 16.08 18.33
C GLY D 55 -13.26 16.99 17.50
N ALA D 56 -12.23 16.43 16.86
CA ALA D 56 -11.29 17.25 16.11
C ALA D 56 -11.87 17.68 14.77
N SER D 57 -12.36 16.72 13.98
CA SER D 57 -12.96 16.99 12.69
C SER D 57 -14.44 16.63 12.76
N ILE D 58 -15.30 17.65 12.63
CA ILE D 58 -16.74 17.51 12.75
C ILE D 58 -17.36 18.07 11.49
N SER D 59 -17.91 17.20 10.64
CA SER D 59 -18.54 17.60 9.39
C SER D 59 -19.98 17.14 9.38
N TYR D 60 -20.77 17.71 8.47
CA TYR D 60 -22.21 17.48 8.47
C TYR D 60 -22.66 17.29 7.02
N THR D 61 -23.80 16.64 6.83
CA THR D 61 -24.40 16.70 5.51
C THR D 61 -25.10 18.04 5.34
N GLY D 62 -25.32 18.41 4.07
CA GLY D 62 -25.87 19.72 3.80
C GLY D 62 -27.33 19.89 4.13
N SER D 63 -28.05 18.80 4.39
CA SER D 63 -29.43 18.92 4.83
C SER D 63 -29.53 19.46 6.25
N VAL D 64 -28.57 19.11 7.12
CA VAL D 64 -28.66 19.41 8.54
C VAL D 64 -27.48 20.24 9.03
N LYS D 65 -26.69 20.83 8.12
CA LYS D 65 -25.42 21.45 8.51
C LYS D 65 -25.63 22.69 9.35
N GLY D 66 -26.62 23.51 9.01
CA GLY D 66 -26.90 24.70 9.78
C GLY D 66 -27.86 24.52 10.93
N ARG D 67 -28.32 23.29 11.20
CA ARG D 67 -29.36 23.09 12.18
C ARG D 67 -29.13 21.89 13.11
N PHE D 68 -28.07 21.11 12.93
CA PHE D 68 -27.74 20.00 13.81
C PHE D 68 -26.39 20.24 14.46
N THR D 69 -26.23 19.71 15.68
CA THR D 69 -24.92 19.62 16.29
C THR D 69 -24.75 18.24 16.92
N ILE D 70 -23.52 17.76 16.91
CA ILE D 70 -23.18 16.41 17.36
C ILE D 70 -22.10 16.51 18.42
N SER D 71 -22.28 15.77 19.52
CA SER D 71 -21.30 15.70 20.59
C SER D 71 -21.05 14.24 20.91
N ARG D 72 -19.88 13.97 21.47
CA ARG D 72 -19.52 12.63 21.91
C ARG D 72 -18.93 12.70 23.30
N ASP D 73 -19.01 11.56 24.01
CA ASP D 73 -18.49 11.46 25.36
C ASP D 73 -17.55 10.27 25.41
N ASN D 74 -16.25 10.55 25.49
CA ASN D 74 -15.25 9.49 25.52
C ASN D 74 -15.24 8.77 26.87
N ALA D 75 -15.51 9.50 27.96
CA ALA D 75 -15.52 8.89 29.28
C ALA D 75 -16.77 8.05 29.49
N LYS D 76 -17.94 8.53 29.07
CA LYS D 76 -19.19 7.82 29.24
C LYS D 76 -19.52 6.89 28.08
N ASN D 77 -18.65 6.85 27.06
CA ASN D 77 -18.66 5.85 25.98
C ASN D 77 -19.99 5.94 25.19
N THR D 78 -20.42 7.17 24.91
CA THR D 78 -21.75 7.41 24.39
C THR D 78 -21.69 8.54 23.35
N LEU D 79 -22.35 8.33 22.21
CA LEU D 79 -22.45 9.33 21.15
C LEU D 79 -23.79 10.05 21.24
N TYR D 80 -23.77 11.37 21.11
CA TYR D 80 -24.96 12.20 21.20
C TYR D 80 -25.21 12.92 19.88
N LEU D 81 -26.45 13.36 19.68
CA LEU D 81 -26.80 14.14 18.48
C LEU D 81 -28.01 15.01 18.81
N GLN D 82 -27.77 16.29 19.04
CA GLN D 82 -28.85 17.26 19.11
C GLN D 82 -29.45 17.52 17.73
N MET D 83 -30.77 17.63 17.71
CA MET D 83 -31.53 18.00 16.52
C MET D 83 -32.31 19.27 16.82
N ASN D 84 -32.22 20.27 15.94
CA ASN D 84 -32.90 21.54 16.14
C ASN D 84 -33.58 21.99 14.86
N SER D 85 -34.80 22.51 14.99
CA SER D 85 -35.59 23.16 13.94
C SER D 85 -35.81 22.23 12.74
N LEU D 86 -36.53 21.14 13.01
CA LEU D 86 -36.65 20.05 12.04
C LEU D 86 -37.72 20.38 11.01
N LYS D 87 -37.32 20.36 9.73
CA LYS D 87 -38.27 20.26 8.65
C LYS D 87 -38.88 18.85 8.64
N PRO D 88 -40.08 18.66 8.10
CA PRO D 88 -40.64 17.30 8.04
C PRO D 88 -40.12 16.44 6.91
N GLU D 89 -39.06 16.87 6.21
CA GLU D 89 -38.43 16.02 5.21
C GLU D 89 -37.60 14.91 5.85
N ASP D 90 -36.90 15.18 6.95
CA ASP D 90 -36.01 14.18 7.55
C ASP D 90 -36.71 13.34 8.63
N THR D 91 -37.79 12.68 8.22
CA THR D 91 -38.51 11.72 9.04
C THR D 91 -37.89 10.32 9.01
N ALA D 92 -36.61 10.23 8.70
CA ALA D 92 -35.89 9.00 8.41
C ALA D 92 -35.57 8.23 9.70
N VAL D 93 -35.12 7.00 9.51
CA VAL D 93 -34.69 6.14 10.61
C VAL D 93 -33.21 6.42 10.84
N TYR D 94 -32.90 7.10 11.93
CA TYR D 94 -31.52 7.49 12.21
C TYR D 94 -30.76 6.36 12.87
N TYR D 95 -29.46 6.26 12.53
CA TYR D 95 -28.65 5.10 12.91
C TYR D 95 -27.21 5.56 13.06
N CYS D 96 -26.70 5.30 14.26
CA CYS D 96 -25.37 5.67 14.69
C CYS D 96 -24.30 4.82 14.05
N ALA D 97 -24.05 5.08 12.77
CA ALA D 97 -23.05 4.34 12.05
C ALA D 97 -21.67 4.68 12.59
N ARG D 98 -20.93 3.63 12.88
CA ARG D 98 -19.57 3.67 13.38
C ARG D 98 -18.61 3.35 12.25
N CYS D 99 -17.52 4.11 12.19
CA CYS D 99 -16.47 3.83 11.21
C CYS D 99 -15.75 2.52 11.55
N PRO D 100 -15.33 1.78 10.53
CA PRO D 100 -14.83 0.41 10.80
C PRO D 100 -13.47 0.38 11.48
N ALA D 101 -12.51 1.16 11.01
CA ALA D 101 -11.19 1.14 11.61
C ALA D 101 -10.99 2.37 12.47
N PRO D 102 -10.47 2.21 13.69
CA PRO D 102 -10.41 3.33 14.64
C PRO D 102 -9.42 4.45 14.30
N PHE D 103 -8.16 4.12 14.07
CA PHE D 103 -7.09 5.10 13.97
C PHE D 103 -6.95 5.72 12.59
N THR D 104 -7.84 5.36 11.67
CA THR D 104 -7.80 5.89 10.32
C THR D 104 -8.79 7.03 10.18
N ARG D 105 -8.37 8.07 9.44
CA ARG D 105 -9.18 9.26 9.26
C ARG D 105 -10.37 9.00 8.34
N ASP D 106 -10.25 8.00 7.47
CA ASP D 106 -11.34 7.63 6.57
C ASP D 106 -12.46 6.93 7.33
N CYS D 107 -13.60 6.77 6.64
CA CYS D 107 -14.77 6.14 7.23
C CYS D 107 -15.63 5.56 6.10
N PHE D 108 -15.49 4.26 5.84
CA PHE D 108 -16.24 3.60 4.78
C PHE D 108 -17.55 2.99 5.26
N ASP D 109 -18.50 2.93 4.32
CA ASP D 109 -19.60 1.98 4.31
C ASP D 109 -20.59 2.15 5.46
N VAL D 110 -20.69 3.36 6.02
CA VAL D 110 -21.70 3.57 7.03
C VAL D 110 -23.06 3.83 6.43
N THR D 111 -23.11 4.15 5.14
CA THR D 111 -24.34 4.18 4.35
C THR D 111 -24.52 2.91 3.54
N SER D 112 -23.74 1.87 3.81
CA SER D 112 -23.85 0.62 3.07
C SER D 112 -24.98 -0.24 3.65
N THR D 113 -25.63 -0.98 2.76
CA THR D 113 -26.74 -1.84 3.15
C THR D 113 -26.22 -3.04 3.96
N THR D 114 -26.90 -3.32 5.07
CA THR D 114 -26.56 -4.38 6.05
C THR D 114 -25.12 -4.23 6.55
N TYR D 115 -24.91 -3.13 7.26
CA TYR D 115 -23.59 -2.76 7.79
C TYR D 115 -23.49 -3.19 9.24
N ALA D 116 -22.35 -3.79 9.59
CA ALA D 116 -22.23 -4.53 10.85
C ALA D 116 -22.13 -3.59 12.05
N TYR D 117 -21.43 -2.46 11.89
CA TYR D 117 -21.26 -1.48 12.96
C TYR D 117 -22.27 -0.36 12.84
N ARG D 118 -23.48 -0.72 12.45
CA ARG D 118 -24.64 0.16 12.44
C ARG D 118 -25.70 -0.44 13.35
N GLY D 119 -26.36 0.41 14.12
CA GLY D 119 -27.33 -0.05 15.09
C GLY D 119 -28.65 -0.49 14.46
N GLN D 120 -29.54 -0.97 15.32
CA GLN D 120 -30.88 -1.32 14.88
C GLN D 120 -31.67 -0.08 14.51
N GLY D 121 -31.44 1.03 15.19
CA GLY D 121 -32.01 2.30 14.82
C GLY D 121 -33.28 2.62 15.58
N THR D 122 -33.55 3.91 15.73
CA THR D 122 -34.78 4.40 16.34
C THR D 122 -35.56 5.18 15.30
N GLN D 123 -36.86 4.90 15.21
CA GLN D 123 -37.72 5.57 14.25
C GLN D 123 -37.96 7.01 14.70
N VAL D 124 -37.59 7.96 13.85
CA VAL D 124 -37.79 9.37 14.15
C VAL D 124 -38.85 9.90 13.21
N THR D 125 -40.11 9.90 13.66
CA THR D 125 -41.24 10.29 12.82
C THR D 125 -41.66 11.71 13.18
N VAL D 126 -41.67 12.59 12.18
CA VAL D 126 -42.12 13.96 12.33
C VAL D 126 -43.30 14.19 11.40
N SER D 127 -44.29 14.93 11.89
CA SER D 127 -45.52 15.17 11.13
C SER D 127 -46.20 16.47 11.56
N HIS E 17 50.48 17.83 -4.31
CA HIS E 17 49.49 18.06 -3.26
C HIS E 17 48.53 19.18 -3.62
N LEU E 18 48.79 19.86 -4.74
CA LEU E 18 47.95 20.96 -5.17
C LEU E 18 47.19 20.65 -6.45
N THR E 19 45.87 20.76 -6.38
CA THR E 19 45.01 20.50 -7.52
C THR E 19 43.76 21.37 -7.46
N SER E 20 43.21 21.69 -8.62
CA SER E 20 41.98 22.48 -8.70
C SER E 20 40.92 21.52 -9.18
N PHE E 21 39.69 21.66 -8.70
CA PHE E 21 38.70 20.70 -9.16
C PHE E 21 38.18 21.07 -10.55
N GLY E 22 38.26 22.33 -10.90
CA GLY E 22 37.79 22.77 -12.21
C GLY E 22 38.65 22.26 -13.36
N ILE E 23 39.72 21.55 -13.05
CA ILE E 23 40.62 21.03 -14.09
C ILE E 23 39.87 20.10 -15.03
N LEU E 24 38.74 19.61 -14.56
CA LEU E 24 37.87 18.67 -15.27
C LEU E 24 37.03 19.40 -16.32
N LEU E 25 36.60 20.62 -16.03
CA LEU E 25 35.82 21.43 -16.97
C LEU E 25 36.29 22.88 -16.95
N ASP E 26 37.58 23.10 -17.20
CA ASP E 26 38.10 24.47 -17.26
C ASP E 26 37.64 25.21 -18.52
N LEU E 27 37.60 24.51 -19.66
CA LEU E 27 37.06 24.93 -20.96
C LEU E 27 37.89 26.00 -21.68
N SER E 28 38.80 26.60 -20.92
CA SER E 28 39.71 27.60 -21.45
C SER E 28 41.07 26.94 -21.62
N ARG E 29 41.32 25.96 -20.75
CA ARG E 29 42.56 25.19 -20.71
C ARG E 29 43.82 26.03 -20.50
N THR E 30 43.67 27.08 -19.68
CA THR E 30 44.75 27.98 -19.35
C THR E 30 45.11 27.66 -17.91
N SER E 31 46.37 27.80 -17.54
CA SER E 31 46.69 27.44 -16.17
C SER E 31 46.19 28.50 -15.21
N LEU E 32 45.52 28.08 -14.14
CA LEU E 32 44.99 29.00 -13.14
C LEU E 32 46.14 29.65 -12.37
N PRO E 33 45.96 30.92 -11.95
CA PRO E 33 47.03 31.62 -11.20
C PRO E 33 47.33 30.94 -9.87
N PRO E 34 48.62 30.88 -9.50
CA PRO E 34 49.00 30.17 -8.26
C PRO E 34 48.47 30.78 -6.98
N SER E 35 47.95 32.00 -7.05
CA SER E 35 47.36 32.60 -5.87
C SER E 35 46.09 31.84 -5.53
N GLN E 36 45.12 31.88 -6.45
CA GLN E 36 43.84 31.20 -6.29
C GLN E 36 43.95 29.68 -6.21
N MET E 37 44.83 29.10 -7.03
CA MET E 37 45.06 27.66 -7.09
C MET E 37 45.17 26.99 -5.71
N MET E 38 45.92 27.60 -4.82
CA MET E 38 46.04 27.07 -3.46
C MET E 38 44.69 27.13 -2.77
N ALA E 39 43.98 28.24 -2.96
CA ALA E 39 42.67 28.40 -2.33
C ALA E 39 41.71 27.37 -2.88
N LEU E 40 41.60 27.28 -4.21
CA LEU E 40 40.69 26.29 -4.78
C LEU E 40 41.05 24.88 -4.33
N THR E 41 42.34 24.60 -4.13
CA THR E 41 42.77 23.30 -3.63
C THR E 41 42.28 23.06 -2.21
N PHE E 42 42.31 24.09 -1.38
CA PHE E 42 41.74 24.01 -0.04
C PHE E 42 40.23 23.80 -0.11
N ILE E 43 39.57 24.45 -1.07
CA ILE E 43 38.14 24.21 -1.29
C ILE E 43 37.90 22.79 -1.80
N THR E 44 38.80 22.29 -2.66
CA THR E 44 38.59 20.98 -3.28
C THR E 44 38.74 19.83 -2.29
N TYR E 45 39.75 19.88 -1.41
CA TYR E 45 39.91 18.81 -0.44
C TYR E 45 38.87 18.87 0.67
N ILE E 46 38.51 20.07 1.13
CA ILE E 46 37.40 20.20 2.06
C ILE E 46 36.09 19.91 1.34
N GLY E 47 36.04 20.09 0.03
CA GLY E 47 34.87 19.72 -0.73
C GLY E 47 34.78 18.26 -1.13
N CYS E 48 35.78 17.77 -1.88
CA CYS E 48 35.73 16.40 -2.39
C CYS E 48 35.98 15.38 -1.28
N GLY E 49 36.81 15.73 -0.30
CA GLY E 49 37.06 14.82 0.81
C GLY E 49 35.85 14.66 1.72
N LEU E 50 35.14 15.76 2.00
CA LEU E 50 33.91 15.66 2.79
C LEU E 50 32.80 15.03 1.98
N SER E 51 32.82 15.20 0.66
CA SER E 51 31.92 14.47 -0.21
C SER E 51 32.16 12.98 -0.12
N SER E 52 33.36 12.56 -0.51
CA SER E 52 33.77 11.15 -0.50
C SER E 52 33.33 10.42 0.75
N ILE E 53 33.62 11.00 1.90
CA ILE E 53 33.23 10.41 3.17
C ILE E 53 31.72 10.37 3.27
N PHE E 54 31.07 11.46 2.83
CA PHE E 54 29.62 11.53 2.90
C PHE E 54 28.97 10.71 1.82
N LEU E 55 29.59 10.69 0.63
CA LEU E 55 28.99 9.84 -0.39
C LEU E 55 29.02 8.38 0.06
N SER E 56 30.13 7.95 0.67
CA SER E 56 30.24 6.59 1.19
C SER E 56 29.11 6.27 2.15
N VAL E 57 28.71 7.25 2.97
CA VAL E 57 27.55 7.09 3.84
C VAL E 57 26.30 6.87 3.01
N THR E 58 26.18 7.56 1.87
CA THR E 58 25.05 7.38 0.98
C THR E 58 25.03 5.98 0.35
N LEU E 59 26.18 5.49 -0.11
CA LEU E 59 26.20 4.17 -0.75
C LEU E 59 26.11 3.05 0.29
N VAL E 60 26.66 3.25 1.49
CA VAL E 60 26.46 2.25 2.53
C VAL E 60 24.99 2.21 2.94
N THR E 61 24.31 3.35 2.90
CA THR E 61 22.88 3.38 3.22
C THR E 61 22.05 2.68 2.13
N TYR E 62 22.26 3.02 0.86
CA TYR E 62 21.32 2.59 -0.18
C TYR E 62 21.43 1.10 -0.55
N ILE E 63 22.63 0.54 -0.73
CA ILE E 63 22.73 -0.87 -1.11
C ILE E 63 22.33 -1.78 0.06
N ALA E 64 22.72 -1.33 1.25
CA ALA E 64 22.40 -2.00 2.50
C ALA E 64 20.92 -1.97 2.74
N PHE E 65 20.34 -0.78 2.57
CA PHE E 65 18.92 -0.60 2.77
C PHE E 65 18.20 -0.87 1.47
N GLU E 66 17.69 -2.09 1.32
CA GLU E 66 16.93 -2.47 0.14
C GLU E 66 15.65 -1.65 0.04
N LYS E 67 15.02 -1.41 1.19
CA LYS E 67 13.81 -0.62 1.28
C LYS E 67 13.93 0.69 0.53
N ILE E 68 15.14 1.22 0.37
CA ILE E 68 15.22 2.48 -0.37
C ILE E 68 15.60 2.33 -1.84
N ARG E 69 15.67 1.11 -2.36
CA ARG E 69 15.95 0.98 -3.79
C ARG E 69 14.73 0.48 -4.54
N ARG E 70 13.53 0.81 -4.09
CA ARG E 70 12.37 0.22 -4.73
C ARG E 70 11.99 0.98 -6.00
N ASP E 71 12.15 2.30 -5.98
CA ASP E 71 11.92 3.10 -7.17
C ASP E 71 13.15 3.14 -8.07
N TYR E 72 12.91 3.37 -9.35
CA TYR E 72 14.01 3.55 -10.30
C TYR E 72 14.88 4.80 -10.05
N PRO E 73 14.36 5.94 -9.53
CA PRO E 73 15.27 7.06 -9.20
C PRO E 73 16.41 6.73 -8.25
N SER E 74 16.17 5.91 -7.23
CA SER E 74 17.22 5.63 -6.25
C SER E 74 18.27 4.68 -6.80
N LYS E 75 17.88 3.78 -7.70
CA LYS E 75 18.86 2.89 -8.32
C LYS E 75 19.77 3.63 -9.29
N ILE E 76 19.22 4.62 -10.01
CA ILE E 76 20.06 5.52 -10.80
C ILE E 76 20.86 6.44 -9.89
N LEU E 77 20.33 6.77 -8.70
CA LEU E 77 21.07 7.56 -7.73
C LEU E 77 22.30 6.83 -7.22
N ILE E 78 22.19 5.52 -6.99
CA ILE E 78 23.33 4.71 -6.56
C ILE E 78 24.42 4.72 -7.62
N GLN E 79 24.04 4.48 -8.87
CA GLN E 79 25.00 4.49 -9.96
C GLN E 79 25.53 5.89 -10.23
N LEU E 80 24.78 6.93 -9.87
CA LEU E 80 25.33 8.28 -9.87
C LEU E 80 26.25 8.48 -8.66
N CYS E 81 25.86 7.96 -7.49
CA CYS E 81 26.69 8.09 -6.30
C CYS E 81 27.96 7.26 -6.41
N ALA E 82 27.88 6.07 -7.01
CA ALA E 82 29.08 5.27 -7.25
C ALA E 82 29.97 5.92 -8.30
N ALA E 83 29.37 6.61 -9.28
CA ALA E 83 30.15 7.36 -10.25
C ALA E 83 30.88 8.52 -9.60
N LEU E 84 30.18 9.27 -8.75
CA LEU E 84 30.74 10.46 -8.16
C LEU E 84 31.72 10.14 -7.03
N LEU E 85 31.48 9.06 -6.27
CA LEU E 85 32.47 8.64 -5.28
C LEU E 85 33.74 8.15 -5.95
N LEU E 86 33.60 7.30 -6.96
CA LEU E 86 34.78 6.84 -7.68
C LEU E 86 35.42 7.93 -8.49
N LEU E 87 34.69 9.01 -8.82
CA LEU E 87 35.33 10.22 -9.32
C LEU E 87 36.07 10.95 -8.20
N ASN E 88 35.46 11.05 -7.02
CA ASN E 88 36.09 11.78 -5.93
C ASN E 88 37.23 11.01 -5.29
N LEU E 89 37.24 9.68 -5.38
CA LEU E 89 38.41 8.94 -4.91
C LEU E 89 39.59 9.07 -5.87
N ILE E 90 39.33 9.02 -7.18
CA ILE E 90 40.40 8.92 -8.18
C ILE E 90 40.95 10.33 -8.40
N PHE E 91 40.31 11.33 -7.80
CA PHE E 91 40.77 12.71 -7.79
C PHE E 91 41.62 13.03 -6.56
N LEU E 92 41.29 12.42 -5.42
CA LEU E 92 42.09 12.64 -4.22
C LEU E 92 43.41 11.89 -4.29
N LEU E 93 43.42 10.66 -4.80
CA LEU E 93 44.64 9.88 -4.86
C LEU E 93 45.45 10.14 -6.13
N ASP E 94 44.92 10.94 -7.06
CA ASP E 94 45.76 11.45 -8.14
C ASP E 94 46.63 12.60 -7.63
N SER E 95 46.01 13.39 -6.75
CA SER E 95 46.61 14.60 -6.19
C SER E 95 47.43 14.36 -4.93
N TRP E 96 46.84 13.73 -3.93
CA TRP E 96 47.60 13.49 -2.71
C TRP E 96 48.77 12.58 -3.02
N ILE E 97 48.54 11.54 -3.81
CA ILE E 97 49.60 10.66 -4.24
C ILE E 97 50.39 11.44 -5.27
N ALA E 98 51.70 11.27 -5.31
CA ALA E 98 52.49 12.00 -6.28
C ALA E 98 52.63 11.14 -7.52
N LEU E 99 52.09 11.61 -8.63
CA LEU E 99 52.15 10.87 -9.88
C LEU E 99 53.23 11.37 -10.83
N TYR E 100 54.04 12.30 -10.36
CA TYR E 100 55.13 12.83 -11.17
C TYR E 100 56.19 11.74 -11.35
N ASN E 101 56.71 11.65 -12.58
CA ASN E 101 57.75 10.69 -13.00
C ASN E 101 57.34 9.21 -13.01
N THR E 102 56.03 8.96 -13.02
CA THR E 102 55.49 7.61 -13.06
C THR E 102 54.40 7.58 -14.12
N ARG E 103 54.81 7.45 -15.37
CA ARG E 103 53.89 7.50 -16.50
C ARG E 103 52.79 6.44 -16.58
N GLY E 104 53.10 5.20 -16.27
CA GLY E 104 52.06 4.19 -16.38
C GLY E 104 50.91 4.45 -15.44
N PHE E 105 51.22 4.78 -14.19
CA PHE E 105 50.20 5.10 -13.19
C PHE E 105 49.49 6.39 -13.55
N CYS E 106 50.25 7.34 -14.09
CA CYS E 106 49.72 8.63 -14.48
C CYS E 106 48.67 8.50 -15.57
N ILE E 107 48.91 7.64 -16.54
CA ILE E 107 47.94 7.46 -17.60
C ILE E 107 46.81 6.60 -17.06
N ALA E 108 47.15 5.70 -16.14
CA ALA E 108 46.15 4.87 -15.54
C ALA E 108 45.25 5.69 -14.65
N VAL E 109 45.84 6.43 -13.72
CA VAL E 109 44.99 7.23 -12.83
C VAL E 109 44.19 8.25 -13.64
N ALA E 110 44.76 8.77 -14.73
CA ALA E 110 44.06 9.74 -15.56
C ALA E 110 42.99 9.07 -16.42
N VAL E 111 43.25 7.83 -16.85
CA VAL E 111 42.23 7.04 -17.57
C VAL E 111 41.03 6.79 -16.68
N PHE E 112 41.28 6.39 -15.43
CA PHE E 112 40.20 6.18 -14.48
C PHE E 112 39.53 7.49 -14.10
N LEU E 113 40.30 8.58 -14.03
CA LEU E 113 39.71 9.89 -13.74
C LEU E 113 38.79 10.35 -14.87
N HIS E 114 39.18 10.11 -16.12
CA HIS E 114 38.29 10.41 -17.24
C HIS E 114 37.09 9.50 -17.26
N TYR E 115 37.31 8.20 -17.03
CA TYR E 115 36.21 7.24 -17.04
C TYR E 115 35.23 7.53 -15.91
N PHE E 116 35.75 7.84 -14.72
CA PHE E 116 34.87 8.10 -13.59
C PHE E 116 34.28 9.50 -13.63
N LEU E 117 34.75 10.36 -14.52
CA LEU E 117 34.06 11.62 -14.80
C LEU E 117 33.02 11.46 -15.90
N LEU E 118 33.33 10.66 -16.92
CA LEU E 118 32.35 10.42 -17.98
C LEU E 118 31.18 9.57 -17.49
N VAL E 119 31.42 8.67 -16.53
CA VAL E 119 30.27 8.04 -15.90
C VAL E 119 29.65 8.96 -14.86
N SER E 120 30.41 9.95 -14.35
CA SER E 120 29.78 10.94 -13.50
C SER E 120 28.86 11.86 -14.31
N PHE E 121 29.27 12.20 -15.53
CA PHE E 121 28.46 13.07 -16.38
C PHE E 121 27.19 12.37 -16.85
N THR E 122 27.32 11.16 -17.39
CA THR E 122 26.18 10.53 -18.02
C THR E 122 25.19 9.95 -17.01
N TRP E 123 25.60 9.72 -15.76
CA TRP E 123 24.66 9.34 -14.73
C TRP E 123 23.95 10.55 -14.11
N MET E 124 24.30 11.76 -14.54
CA MET E 124 23.37 12.87 -14.43
C MET E 124 22.49 12.95 -15.66
N GLY E 125 23.06 12.60 -16.83
CA GLY E 125 22.25 12.51 -18.03
C GLY E 125 21.25 11.36 -17.97
N LEU E 126 21.65 10.24 -17.35
CA LEU E 126 20.70 9.16 -17.15
C LEU E 126 19.72 9.44 -16.03
N GLU E 127 20.05 10.37 -15.12
CA GLU E 127 19.02 10.91 -14.26
C GLU E 127 18.03 11.74 -15.08
N ALA E 128 18.54 12.48 -16.06
CA ALA E 128 17.68 13.23 -16.98
C ALA E 128 17.03 12.34 -18.02
N PHE E 129 17.72 11.31 -18.51
CA PHE E 129 17.07 10.43 -19.48
C PHE E 129 16.02 9.56 -18.82
N HIS E 130 16.19 9.25 -17.53
CA HIS E 130 15.09 8.69 -16.77
C HIS E 130 13.96 9.70 -16.63
N MET E 131 14.30 10.98 -16.47
CA MET E 131 13.28 12.01 -16.32
C MET E 131 12.56 12.27 -17.64
N TYR E 132 13.22 12.01 -18.77
CA TYR E 132 12.51 11.94 -20.04
C TYR E 132 11.53 10.77 -20.04
N LEU E 133 11.94 9.65 -19.45
CA LEU E 133 11.10 8.46 -19.33
C LEU E 133 10.21 8.50 -18.10
N ALA E 134 10.06 9.65 -17.46
CA ALA E 134 9.23 9.77 -16.28
C ALA E 134 8.21 10.89 -16.42
N LEU E 135 8.61 11.97 -17.08
CA LEU E 135 7.88 13.23 -16.98
C LEU E 135 7.40 13.80 -18.31
N VAL E 136 8.12 13.58 -19.42
CA VAL E 136 7.67 14.12 -20.70
C VAL E 136 7.32 13.00 -21.67
N LYS E 137 7.93 11.83 -21.48
CA LYS E 137 7.39 10.57 -21.98
C LYS E 137 7.06 9.77 -20.73
N VAL E 138 5.78 9.65 -20.43
CA VAL E 138 5.38 9.20 -19.11
C VAL E 138 4.93 7.73 -19.19
N PHE E 139 4.45 7.33 -20.35
CA PHE E 139 3.91 6.00 -20.56
C PHE E 139 4.79 5.18 -21.48
N ASN E 140 4.67 3.85 -21.33
CA ASN E 140 5.41 2.83 -22.09
C ASN E 140 6.92 3.03 -21.94
N THR E 141 7.35 3.43 -20.74
CA THR E 141 8.74 3.68 -20.45
C THR E 141 9.38 2.58 -19.62
N TYR E 142 8.68 1.46 -19.41
CA TYR E 142 9.32 0.33 -18.77
C TYR E 142 10.27 -0.32 -19.76
N ILE E 143 11.52 -0.47 -19.36
CA ILE E 143 12.52 -1.20 -20.13
C ILE E 143 12.96 -2.37 -19.27
N ARG E 144 12.97 -3.57 -19.87
CA ARG E 144 13.43 -4.76 -19.16
C ARG E 144 14.90 -4.63 -18.80
N LYS E 145 15.21 -4.91 -17.53
CA LYS E 145 16.49 -4.59 -16.87
C LYS E 145 16.83 -3.12 -17.08
N TYR E 146 15.97 -2.27 -16.50
CA TYR E 146 16.05 -0.82 -16.66
C TYR E 146 17.36 -0.24 -16.16
N ILE E 147 17.83 -0.71 -15.00
CA ILE E 147 19.06 -0.19 -14.45
C ILE E 147 20.27 -0.87 -15.09
N LEU E 148 20.13 -2.16 -15.44
CA LEU E 148 21.22 -2.88 -16.08
C LEU E 148 21.44 -2.39 -17.50
N LYS E 149 20.36 -2.07 -18.23
CA LYS E 149 20.53 -1.46 -19.54
C LYS E 149 20.96 0.00 -19.45
N PHE E 150 20.73 0.65 -18.30
CA PHE E 150 21.42 1.91 -18.06
C PHE E 150 22.86 1.74 -17.64
N CYS E 151 23.27 0.56 -17.20
CA CYS E 151 24.70 0.35 -16.98
C CYS E 151 25.46 0.19 -18.29
N ILE E 152 24.78 -0.24 -19.36
CA ILE E 152 25.41 -0.32 -20.68
C ILE E 152 25.66 1.08 -21.25
N VAL E 153 24.76 2.02 -20.96
CA VAL E 153 24.93 3.39 -21.44
C VAL E 153 25.55 4.30 -20.38
N GLY E 154 25.44 3.94 -19.10
CA GLY E 154 26.03 4.76 -18.05
C GLY E 154 27.47 4.39 -17.71
N TRP E 155 27.76 3.10 -17.57
CA TRP E 155 29.13 2.67 -17.33
C TRP E 155 29.82 2.12 -18.56
N GLY E 156 29.06 1.61 -19.53
CA GLY E 156 29.66 0.91 -20.65
C GLY E 156 30.08 1.80 -21.80
N ILE E 157 29.21 2.70 -22.23
CA ILE E 157 29.53 3.64 -23.31
C ILE E 157 30.59 4.66 -22.89
N PRO E 158 30.62 5.20 -21.66
CA PRO E 158 31.84 5.91 -21.23
C PRO E 158 33.08 5.02 -21.14
N ALA E 159 32.93 3.72 -20.91
CA ALA E 159 34.09 2.84 -21.02
C ALA E 159 34.49 2.64 -22.47
N VAL E 160 33.53 2.74 -23.39
CA VAL E 160 33.85 2.71 -24.82
C VAL E 160 34.60 3.98 -25.22
N VAL E 161 34.12 5.14 -24.77
CA VAL E 161 34.65 6.43 -25.21
C VAL E 161 36.09 6.64 -24.72
N VAL E 162 36.37 6.24 -23.47
CA VAL E 162 37.74 6.26 -22.96
C VAL E 162 38.62 5.28 -23.74
N SER E 163 38.05 4.14 -24.14
CA SER E 163 38.81 3.15 -24.91
C SER E 163 39.15 3.63 -26.31
N ILE E 164 38.30 4.48 -26.89
CA ILE E 164 38.64 5.09 -28.19
C ILE E 164 39.79 6.07 -28.03
N VAL E 165 39.83 6.80 -26.90
CA VAL E 165 40.91 7.74 -26.63
C VAL E 165 42.23 7.00 -26.46
N LEU E 166 42.21 5.91 -25.70
CA LEU E 166 43.39 5.06 -25.55
C LEU E 166 43.80 4.43 -26.87
N THR E 167 42.81 4.09 -27.69
CA THR E 167 43.05 3.49 -28.99
C THR E 167 43.53 4.56 -29.96
N ILE E 168 43.24 5.81 -29.63
CA ILE E 168 43.67 6.93 -30.47
C ILE E 168 45.14 7.19 -30.24
N SER E 169 45.49 7.50 -28.99
CA SER E 169 46.86 7.77 -28.61
C SER E 169 47.02 7.51 -27.13
N PRO E 170 47.63 6.37 -26.78
CA PRO E 170 47.79 6.04 -25.35
C PRO E 170 48.50 7.13 -24.55
N ASP E 171 49.22 8.03 -25.22
CA ASP E 171 49.91 9.13 -24.58
C ASP E 171 49.07 10.41 -24.52
N ASN E 172 47.76 10.28 -24.70
CA ASN E 172 46.85 11.40 -24.49
C ASN E 172 46.84 11.81 -23.02
N TYR E 173 46.79 10.83 -22.14
CA TYR E 173 46.57 11.05 -20.73
C TYR E 173 47.87 11.42 -20.03
N GLY E 174 47.70 11.80 -18.76
CA GLY E 174 48.79 12.18 -17.89
C GLY E 174 49.35 13.55 -18.19
N ILE E 175 50.46 13.85 -17.52
CA ILE E 175 51.16 15.10 -17.72
C ILE E 175 51.96 15.05 -19.01
N GLY E 176 52.35 16.20 -19.53
CA GLY E 176 53.11 16.25 -20.76
C GLY E 176 54.45 15.53 -20.62
N SER E 177 55.10 15.70 -19.48
CA SER E 177 56.37 15.04 -19.24
C SER E 177 56.28 14.11 -18.02
N ASP E 188 52.08 17.06 -10.73
CA ASP E 188 51.03 17.75 -11.47
C ASP E 188 49.87 16.81 -11.77
N PHE E 189 48.66 17.35 -11.74
CA PHE E 189 47.45 16.59 -12.00
C PHE E 189 47.50 15.75 -13.27
N CYS E 190 47.13 14.47 -13.19
CA CYS E 190 47.18 13.61 -14.39
C CYS E 190 45.81 13.59 -15.07
N TRP E 191 45.64 14.43 -16.09
CA TRP E 191 44.38 14.55 -16.81
C TRP E 191 44.64 14.37 -18.30
N ILE E 192 43.64 14.59 -19.16
CA ILE E 192 43.80 14.49 -20.60
C ILE E 192 44.79 15.56 -21.03
N ASN E 193 45.66 15.21 -21.97
CA ASN E 193 46.68 16.16 -22.42
C ASN E 193 46.31 16.98 -23.64
N SER E 194 45.83 16.32 -24.68
CA SER E 194 45.49 17.03 -25.92
C SER E 194 44.29 17.96 -25.87
N ASN E 195 44.32 19.04 -26.66
CA ASN E 195 43.16 19.93 -26.65
C ASN E 195 41.98 19.32 -27.40
N VAL E 196 42.25 18.68 -28.55
CA VAL E 196 41.17 18.16 -29.40
C VAL E 196 40.45 16.99 -28.72
N VAL E 197 41.17 16.18 -27.94
CA VAL E 197 40.55 15.08 -27.21
C VAL E 197 39.68 15.60 -26.08
N PHE E 198 40.21 16.58 -25.31
CA PHE E 198 39.49 17.11 -24.15
C PHE E 198 38.20 17.83 -24.55
N TYR E 199 38.24 18.64 -25.60
CA TYR E 199 37.05 19.39 -25.98
C TYR E 199 36.00 18.50 -26.63
N ILE E 200 36.40 17.38 -27.20
CA ILE E 200 35.43 16.42 -27.73
C ILE E 200 34.97 15.47 -26.62
N THR E 201 35.92 14.74 -26.03
CA THR E 201 35.56 13.62 -25.16
C THR E 201 35.24 14.03 -23.73
N VAL E 202 35.51 15.26 -23.33
CA VAL E 202 35.05 15.71 -22.01
C VAL E 202 34.01 16.80 -22.18
N VAL E 203 34.41 17.93 -22.77
CA VAL E 203 33.53 19.09 -22.85
C VAL E 203 32.40 18.85 -23.85
N GLY E 204 32.75 18.37 -25.04
CA GLY E 204 31.74 18.00 -26.01
C GLY E 204 30.88 16.84 -25.54
N TYR E 205 31.45 15.95 -24.73
CA TYR E 205 30.64 14.95 -24.07
C TYR E 205 29.78 15.60 -22.99
N PHE E 206 30.32 16.57 -22.26
CA PHE E 206 29.53 17.25 -21.24
C PHE E 206 28.40 18.06 -21.86
N CYS E 207 28.65 18.73 -22.99
CA CYS E 207 27.63 19.58 -23.60
C CYS E 207 26.45 18.78 -24.13
N VAL E 208 26.69 17.60 -24.72
CA VAL E 208 25.58 16.77 -25.19
C VAL E 208 24.86 16.10 -24.03
N ILE E 209 25.43 16.16 -22.83
CA ILE E 209 24.74 15.77 -21.61
C ILE E 209 24.17 16.99 -20.87
N PHE E 210 24.89 18.12 -20.84
CA PHE E 210 24.37 19.31 -20.16
C PHE E 210 23.17 19.91 -20.90
N LEU E 211 23.23 19.97 -22.23
CA LEU E 211 22.06 20.41 -23.00
C LEU E 211 20.92 19.41 -22.88
N LEU E 212 21.25 18.12 -22.77
CA LEU E 212 20.26 17.13 -22.37
C LEU E 212 19.77 17.41 -20.96
N ASN E 213 20.67 17.84 -20.06
CA ASN E 213 20.28 18.05 -18.67
C ASN E 213 19.45 19.30 -18.47
N VAL E 214 19.79 20.42 -19.10
CA VAL E 214 19.05 21.65 -18.82
C VAL E 214 17.78 21.73 -19.65
N SER E 215 17.69 20.99 -20.75
CA SER E 215 16.40 20.76 -21.40
C SER E 215 15.60 19.67 -20.71
N MET E 216 16.05 19.21 -19.55
CA MET E 216 15.28 18.31 -18.71
C MET E 216 15.51 18.70 -17.23
N PHE E 217 16.07 19.89 -17.01
CA PHE E 217 16.11 20.49 -15.68
C PHE E 217 15.01 21.53 -15.52
N ILE E 218 15.00 22.55 -16.38
CA ILE E 218 13.92 23.52 -16.35
C ILE E 218 12.65 22.92 -16.89
N VAL E 219 12.75 21.84 -17.67
CA VAL E 219 11.56 21.11 -18.12
C VAL E 219 10.94 20.34 -16.97
N VAL E 220 11.73 19.90 -15.98
CA VAL E 220 11.15 19.52 -14.71
C VAL E 220 10.57 20.73 -14.01
N LEU E 221 11.30 21.86 -14.03
CA LEU E 221 10.89 23.05 -13.29
C LEU E 221 9.61 23.67 -13.85
N VAL E 222 9.44 23.64 -15.18
CA VAL E 222 8.19 24.18 -15.73
C VAL E 222 7.04 23.22 -15.44
N GLN E 223 7.31 21.91 -15.42
CA GLN E 223 6.26 20.93 -15.13
C GLN E 223 6.09 20.66 -13.65
N LEU E 224 6.86 21.32 -12.79
CA LEU E 224 6.65 21.24 -11.35
C LEU E 224 6.21 22.58 -10.77
N CYS E 225 6.51 23.70 -11.44
CA CYS E 225 5.86 24.95 -11.12
C CYS E 225 4.47 25.05 -11.75
N ARG E 226 4.18 24.26 -12.79
CA ARG E 226 2.83 24.18 -13.32
C ARG E 226 1.87 23.61 -12.28
N ILE E 227 2.28 22.51 -11.64
CA ILE E 227 1.44 21.89 -10.63
C ILE E 227 1.47 22.65 -9.31
N LYS E 228 2.44 23.56 -9.14
CA LYS E 228 2.36 24.55 -8.08
C LYS E 228 1.52 25.74 -8.46
N LYS E 229 1.27 25.94 -9.77
CA LYS E 229 0.34 26.97 -10.20
C LYS E 229 -1.10 26.50 -10.17
N LYS E 230 -1.33 25.19 -10.29
CA LYS E 230 -2.69 24.67 -10.12
C LYS E 230 -3.10 24.79 -8.65
N LYS E 231 -4.20 25.49 -8.42
CA LYS E 231 -4.74 25.72 -7.08
C LYS E 231 -6.11 25.06 -7.01
N GLN E 232 -6.27 24.13 -6.08
CA GLN E 232 -7.52 23.39 -5.99
C GLN E 232 -8.63 24.23 -5.37
N LEU E 233 -8.31 25.00 -4.33
CA LEU E 233 -9.27 25.89 -3.69
C LEU E 233 -8.89 27.36 -3.85
N GLY E 234 -8.00 27.67 -4.80
CA GLY E 234 -7.54 29.02 -5.00
C GLY E 234 -6.41 29.45 -4.09
N ALA E 235 -5.95 28.58 -3.20
CA ALA E 235 -4.85 28.88 -2.29
C ALA E 235 -3.75 27.85 -2.52
N GLN E 236 -2.90 28.12 -3.50
CA GLN E 236 -1.77 27.25 -3.79
C GLN E 236 -0.62 27.52 -2.83
N ARG E 237 0.28 26.55 -2.73
CA ARG E 237 1.48 26.67 -1.90
C ARG E 237 2.67 26.92 -2.82
N LYS E 238 3.16 28.16 -2.83
CA LYS E 238 4.29 28.53 -3.69
C LYS E 238 5.58 27.90 -3.20
N THR E 239 5.94 28.17 -1.95
CA THR E 239 7.24 27.79 -1.41
C THR E 239 7.06 26.90 -0.19
N SER E 240 7.70 25.72 -0.21
CA SER E 240 7.73 24.81 0.91
C SER E 240 9.18 24.52 1.30
N ILE E 241 9.36 24.05 2.55
CA ILE E 241 10.68 23.68 3.03
C ILE E 241 11.19 22.44 2.29
N GLN E 242 10.30 21.51 1.95
CA GLN E 242 10.66 20.40 1.08
C GLN E 242 10.91 20.88 -0.34
N ASP E 243 10.15 21.88 -0.80
CA ASP E 243 10.26 22.39 -2.16
C ASP E 243 11.62 23.04 -2.41
N LEU E 244 12.06 23.92 -1.49
CA LEU E 244 13.36 24.55 -1.60
C LEU E 244 14.49 23.52 -1.53
N ARG E 245 14.33 22.53 -0.66
CA ARG E 245 15.25 21.39 -0.61
C ARG E 245 15.28 20.63 -1.92
N SER E 246 14.12 20.50 -2.57
CA SER E 246 14.02 19.66 -3.77
C SER E 246 14.60 20.33 -5.01
N ILE E 247 14.44 21.66 -5.15
CA ILE E 247 14.93 22.35 -6.33
C ILE E 247 16.47 22.37 -6.34
N ALA E 248 17.05 22.70 -5.19
CA ALA E 248 18.50 22.62 -5.04
C ALA E 248 18.99 21.18 -5.09
N GLY E 249 18.18 20.25 -4.57
CA GLY E 249 18.53 18.84 -4.68
C GLY E 249 18.50 18.34 -6.11
N LEU E 250 17.56 18.84 -6.91
CA LEU E 250 17.52 18.50 -8.33
C LEU E 250 18.72 19.06 -9.08
N THR E 251 19.24 20.21 -8.62
CA THR E 251 20.36 20.86 -9.28
C THR E 251 21.63 20.02 -9.18
N PHE E 252 21.97 19.57 -7.97
CA PHE E 252 23.14 18.71 -7.82
C PHE E 252 22.88 17.26 -8.22
N LEU E 253 21.62 16.85 -8.36
CA LEU E 253 21.35 15.54 -8.92
C LEU E 253 21.65 15.51 -10.42
N LEU E 254 21.23 16.53 -11.14
CA LEU E 254 21.50 16.65 -12.55
C LEU E 254 22.82 17.34 -12.85
N GLY E 255 23.49 17.88 -11.83
CA GLY E 255 24.75 18.56 -12.05
C GLY E 255 24.64 19.83 -12.85
N ILE E 256 23.67 20.68 -12.53
CA ILE E 256 23.53 21.94 -13.23
C ILE E 256 24.62 22.92 -12.81
N THR E 257 25.14 22.78 -11.58
CA THR E 257 26.27 23.60 -11.14
C THR E 257 27.60 23.15 -11.73
N TRP E 258 27.62 22.02 -12.45
CA TRP E 258 28.72 21.74 -13.36
C TRP E 258 28.69 22.62 -14.59
N GLY E 259 27.59 23.32 -14.84
CA GLY E 259 27.46 24.34 -15.85
C GLY E 259 27.94 25.71 -15.44
N PHE E 260 28.56 25.82 -14.27
CA PHE E 260 29.34 27.01 -13.93
C PHE E 260 30.63 27.08 -14.76
N ALA E 261 31.01 25.97 -15.39
CA ALA E 261 32.12 25.95 -16.33
C ALA E 261 31.86 26.83 -17.55
N PHE E 262 30.60 26.91 -17.99
CA PHE E 262 30.27 27.66 -19.21
C PHE E 262 30.42 29.16 -19.00
N PHE E 263 30.33 29.56 -17.73
CA PHE E 263 30.50 30.93 -17.33
C PHE E 263 31.99 31.24 -17.13
N ALA E 264 32.85 30.29 -17.51
CA ALA E 264 34.28 30.47 -17.38
C ALA E 264 34.75 31.57 -18.33
N TRP E 265 35.87 32.19 -17.89
CA TRP E 265 36.65 33.29 -18.50
C TRP E 265 36.09 34.69 -18.25
N PRO E 267 36.69 37.67 -17.17
CA PRO E 267 35.66 38.41 -16.45
C PRO E 267 35.06 37.59 -15.31
N VAL E 268 33.94 36.94 -15.57
CA VAL E 268 33.28 36.11 -14.56
C VAL E 268 34.16 34.92 -14.22
N ASN E 269 35.04 34.58 -15.16
CA ASN E 269 36.00 33.47 -15.02
C ASN E 269 36.62 33.30 -13.64
N VAL E 270 37.12 34.38 -13.05
CA VAL E 270 37.67 34.24 -11.72
C VAL E 270 36.60 33.91 -10.69
N THR E 271 35.34 34.28 -10.95
CA THR E 271 34.29 34.07 -9.96
C THR E 271 33.72 32.65 -10.00
N PHE E 272 33.31 32.20 -11.18
CA PHE E 272 32.57 30.95 -11.29
C PHE E 272 33.43 29.70 -11.20
N MET E 273 34.76 29.82 -11.35
CA MET E 273 35.62 28.69 -11.01
C MET E 273 35.68 28.45 -9.51
N TYR E 274 35.51 29.50 -8.70
CA TYR E 274 35.30 29.30 -7.27
C TYR E 274 33.97 28.62 -7.00
N LEU E 275 32.92 29.05 -7.70
CA LEU E 275 31.61 28.42 -7.57
C LEU E 275 31.60 27.01 -8.17
N PHE E 276 32.49 26.73 -9.12
CA PHE E 276 32.66 25.37 -9.61
C PHE E 276 33.27 24.49 -8.53
N ALA E 277 34.14 25.04 -7.70
CA ALA E 277 34.79 24.25 -6.67
C ALA E 277 33.98 24.14 -5.38
N ILE E 278 32.97 24.98 -5.19
CA ILE E 278 32.14 24.89 -3.99
C ILE E 278 30.97 23.94 -4.20
N PHE E 279 30.26 24.09 -5.32
CA PHE E 279 29.01 23.37 -5.53
C PHE E 279 29.18 22.03 -6.24
N ASN E 280 30.35 21.74 -6.80
CA ASN E 280 30.56 20.47 -7.48
C ASN E 280 31.49 19.52 -6.74
N THR E 281 32.44 20.05 -5.95
CA THR E 281 33.13 19.19 -5.00
C THR E 281 32.18 18.66 -3.95
N LEU E 282 31.32 19.54 -3.43
CA LEU E 282 30.34 19.18 -2.42
C LEU E 282 29.06 18.61 -3.00
N GLN E 283 29.07 18.23 -4.29
CA GLN E 283 27.87 17.71 -4.93
C GLN E 283 27.46 16.38 -4.34
N GLY E 284 28.41 15.46 -4.17
CA GLY E 284 28.12 14.21 -3.49
C GLY E 284 27.84 14.40 -2.02
N PHE E 285 28.41 15.44 -1.41
CA PHE E 285 27.97 15.85 -0.08
C PHE E 285 26.55 16.38 -0.10
N PHE E 286 26.21 17.18 -1.13
CA PHE E 286 24.86 17.71 -1.23
C PHE E 286 23.87 16.64 -1.66
N ILE E 287 24.33 15.64 -2.42
CA ILE E 287 23.47 14.50 -2.73
C ILE E 287 23.17 13.70 -1.47
N PHE E 288 24.15 13.60 -0.57
CA PHE E 288 23.89 13.06 0.77
C PHE E 288 22.90 13.96 1.52
N ILE E 289 23.07 15.27 1.42
CA ILE E 289 22.23 16.21 2.14
C ILE E 289 20.80 16.17 1.62
N PHE E 290 20.65 16.18 0.29
CA PHE E 290 19.34 16.37 -0.32
C PHE E 290 18.63 15.07 -0.66
N TYR E 291 19.35 13.94 -0.73
CA TYR E 291 18.73 12.67 -1.07
C TYR E 291 19.07 11.54 -0.10
N CYS E 292 19.82 11.81 0.97
CA CYS E 292 20.15 10.74 1.90
C CYS E 292 19.99 11.22 3.35
N ALA E 293 20.13 12.52 3.60
CA ALA E 293 19.96 13.05 4.94
C ALA E 293 18.65 13.80 5.13
N ALA E 294 18.07 14.35 4.06
CA ALA E 294 16.76 14.98 4.14
C ALA E 294 15.67 14.18 3.45
N LYS E 295 16.01 13.07 2.82
CA LYS E 295 15.00 12.15 2.31
C LYS E 295 14.32 11.49 3.50
N GLU E 296 12.98 11.52 3.51
CA GLU E 296 12.24 11.13 4.70
C GLU E 296 12.25 9.63 4.95
N ASN E 297 12.20 8.82 3.89
CA ASN E 297 12.25 7.37 4.06
C ASN E 297 13.66 6.88 4.37
N VAL E 298 14.68 7.58 3.85
CA VAL E 298 16.06 7.15 4.05
C VAL E 298 16.51 7.40 5.49
N ARG E 299 16.16 8.56 6.05
CA ARG E 299 16.54 8.88 7.42
C ARG E 299 15.79 8.02 8.43
N LYS E 300 14.59 7.54 8.06
CA LYS E 300 13.80 6.69 8.95
C LYS E 300 14.47 5.35 9.20
N GLN E 301 15.22 4.85 8.23
CA GLN E 301 15.90 3.57 8.39
C GLN E 301 17.16 3.66 9.24
N TRP E 302 17.69 4.88 9.41
CA TRP E 302 18.91 5.06 10.20
C TRP E 302 18.66 4.87 11.68
N ARG E 303 17.45 5.20 12.17
CA ARG E 303 17.16 5.05 13.60
C ARG E 303 17.06 3.58 13.99
N ARG E 304 16.64 2.71 13.07
CA ARG E 304 16.56 1.29 13.36
C ARG E 304 17.91 0.59 13.17
N TYR E 305 18.79 1.18 12.36
CA TYR E 305 20.13 0.66 12.02
C TYR E 305 20.08 -0.75 11.44
#